data_1QO8
#
_entry.id   1QO8
#
_cell.length_a   71.770
_cell.length_b   109.690
_cell.length_c   227.320
_cell.angle_alpha   90.00
_cell.angle_beta   90.00
_cell.angle_gamma   90.00
#
_symmetry.space_group_name_H-M   'P 21 21 21'
#
loop_
_entity.id
_entity.type
_entity.pdbx_description
1 polymer 'FLAVOCYTOCHROME C3 FUMARATE REDUCTASE'
2 non-polymer 'PROTOPORPHYRIN IX CONTAINING FE'
3 non-polymer 'FLAVIN-ADENINE DINUCLEOTIDE'
4 water water
#
_entity_poly.entity_id   1
_entity_poly.type   'polypeptide(L)'
_entity_poly.pdbx_seq_one_letter_code
;KTPDMGSFHADMGSCQSCHAKPIKVTDSETHENAQCKSCHGEYAELANDKLQFDPHNSHLGDINCTSCHKGHEEPKFYCN
ECHSFDIKPMPFSDAKKKKSWDDGWDQDKIQKAIAAGPSETTQVLVVGAGSAGFNASLAAKKAGANVILVDKAPFSGGNS
MISAGGMNAVGTKQQTAHGVEDKVEWFIEDAMKGGRQQNDIKLVTILAEQSADGVQWLESLGANLDDLKRSGGARVDRTH
RPHGGKSSGPEIIDTLRKAAKEQGIDTRLNSRVVKLVVNDDHSVVGAVVHGKHTGYYMIGAKSVVLATGGYGMNKEMIAY
YRPTMKDMTSSNNITATGDGVLMAKEIGASMTDIDWVQAHPTVGKDSRILISETVRGVGAVMVNKDGNRFISELTTRDKA
SDAILKQPGQFAWIIFDNQLYKKAKMVRGYDHLEMLYKGDTVEQLAKSTGMKVADLAKTVSDYNGYVASGKDTAFGRADM
PLNMTQSPYYAVKVAPGIHHTMGGVAINTTASVLDLQSKPIDGLFAAGEVTGGVHGYNRLGGNAIADTVVFGRIAGDNAA
KHALDK
;
_entity_poly.pdbx_strand_id   A,D
#
loop_
_chem_comp.id
_chem_comp.type
_chem_comp.name
_chem_comp.formula
FAD non-polymer 'FLAVIN-ADENINE DINUCLEOTIDE' 'C27 H33 N9 O15 P2'
HEM non-polymer 'PROTOPORPHYRIN IX CONTAINING FE' 'C34 H32 Fe N4 O4'
#
# COMPACT_ATOMS: atom_id res chain seq x y z
N THR A 2 10.34 -1.10 -49.50
CA THR A 2 10.17 0.21 -48.81
C THR A 2 8.80 0.51 -48.20
N PRO A 3 7.78 -0.04 -48.85
CA PRO A 3 6.46 0.57 -48.75
C PRO A 3 5.88 0.31 -47.35
N ASP A 4 4.71 0.92 -47.17
CA ASP A 4 3.84 0.58 -46.09
C ASP A 4 2.46 0.46 -46.69
N MET A 5 1.45 0.14 -45.84
CA MET A 5 0.14 0.01 -46.41
C MET A 5 -0.37 1.31 -47.06
N GLY A 6 -0.31 2.41 -46.33
CA GLY A 6 -0.52 3.76 -46.73
C GLY A 6 0.05 4.09 -48.12
N SER A 7 1.27 3.70 -48.45
CA SER A 7 1.84 4.02 -49.73
C SER A 7 1.37 3.09 -50.83
N PHE A 8 1.21 1.79 -50.50
CA PHE A 8 0.48 0.89 -51.37
C PHE A 8 -0.90 1.45 -51.78
N HIS A 9 -1.69 1.95 -50.86
CA HIS A 9 -2.98 2.47 -51.19
C HIS A 9 -2.88 3.84 -51.95
N ALA A 10 -2.06 4.77 -51.47
CA ALA A 10 -1.87 6.06 -52.14
C ALA A 10 -1.41 5.84 -53.58
N ASP A 11 -0.53 4.93 -53.90
CA ASP A 11 -0.17 4.58 -55.23
C ASP A 11 -1.38 4.18 -56.08
N MET A 12 -2.39 3.56 -55.50
CA MET A 12 -3.55 3.18 -56.28
C MET A 12 -4.46 4.39 -56.31
N GLY A 13 -4.51 5.22 -55.29
CA GLY A 13 -5.59 6.21 -55.15
C GLY A 13 -4.88 7.53 -54.86
N SER A 14 -4.92 7.89 -53.57
CA SER A 14 -4.05 8.94 -53.05
C SER A 14 -4.03 8.85 -51.52
N CYS A 15 -3.33 9.77 -50.85
CA CYS A 15 -3.37 9.90 -49.41
C CYS A 15 -4.80 9.99 -48.92
N GLN A 16 -5.59 10.73 -49.69
CA GLN A 16 -6.98 10.94 -49.36
C GLN A 16 -7.79 9.67 -49.54
N SER A 17 -7.30 8.59 -50.13
CA SER A 17 -8.08 7.34 -49.98
C SER A 17 -8.37 7.09 -48.48
N CYS A 18 -7.45 7.24 -47.53
CA CYS A 18 -7.95 7.12 -46.15
C CYS A 18 -8.00 8.38 -45.35
N HIS A 19 -7.33 9.46 -45.77
CA HIS A 19 -7.17 10.57 -44.80
C HIS A 19 -8.03 11.74 -45.32
N ALA A 20 -8.49 12.58 -44.42
CA ALA A 20 -9.11 13.83 -44.85
C ALA A 20 -8.10 14.74 -45.52
N LYS A 21 -8.49 15.76 -46.22
CA LYS A 21 -7.76 16.81 -46.89
C LYS A 21 -7.76 18.04 -46.09
N PRO A 22 -6.63 18.44 -45.61
CA PRO A 22 -5.38 18.46 -44.93
C PRO A 22 -5.20 17.16 -44.09
N ILE A 23 -4.14 16.38 -44.10
CA ILE A 23 -4.00 15.20 -43.23
C ILE A 23 -4.00 15.65 -41.77
N LYS A 24 -5.07 15.28 -41.08
CA LYS A 24 -5.25 15.59 -39.68
C LYS A 24 -5.90 14.37 -38.96
N VAL A 25 -5.13 13.43 -38.49
CA VAL A 25 -5.73 12.11 -38.11
C VAL A 25 -6.28 12.25 -36.72
N THR A 26 -7.55 12.03 -36.42
CA THR A 26 -8.02 12.08 -35.04
C THR A 26 -7.49 10.90 -34.18
N ASP A 27 -7.50 11.13 -32.87
CA ASP A 27 -7.01 10.10 -31.91
C ASP A 27 -7.69 8.75 -32.14
N SER A 28 -9.01 8.76 -32.35
CA SER A 28 -9.76 7.57 -32.59
C SER A 28 -9.59 7.09 -34.03
N GLU A 29 -8.84 7.70 -34.93
CA GLU A 29 -8.73 7.26 -36.33
C GLU A 29 -10.03 6.96 -37.04
N THR A 30 -11.06 7.73 -36.75
CA THR A 30 -12.43 7.49 -37.13
C THR A 30 -12.60 7.47 -38.64
N HIS A 31 -12.20 8.63 -39.21
CA HIS A 31 -12.28 8.82 -40.67
C HIS A 31 -11.56 7.71 -41.35
N GLU A 32 -10.31 7.35 -41.02
CA GLU A 32 -9.57 6.34 -41.74
C GLU A 32 -10.29 4.98 -41.72
N ASN A 33 -10.83 4.62 -40.58
CA ASN A 33 -11.47 3.31 -40.42
C ASN A 33 -12.86 3.29 -41.10
N ALA A 34 -13.56 4.42 -41.15
CA ALA A 34 -14.76 4.49 -42.01
C ALA A 34 -14.41 4.21 -43.47
N GLN A 35 -13.24 4.60 -43.94
CA GLN A 35 -12.76 4.35 -45.28
C GLN A 35 -12.34 2.96 -45.59
N CYS A 36 -11.56 2.30 -44.71
CA CYS A 36 -11.44 0.83 -44.75
C CYS A 36 -12.78 0.18 -45.01
N LYS A 37 -13.82 0.42 -44.26
CA LYS A 37 -15.05 -0.34 -44.34
C LYS A 37 -15.83 0.02 -45.61
N SER A 38 -15.82 1.28 -46.03
CA SER A 38 -16.35 1.72 -47.31
C SER A 38 -15.79 0.86 -48.45
N CYS A 39 -14.50 0.96 -48.69
CA CYS A 39 -13.99 0.13 -49.75
C CYS A 39 -14.02 -1.36 -49.49
N HIS A 40 -13.79 -1.76 -48.22
CA HIS A 40 -13.55 -3.22 -48.10
C HIS A 40 -14.78 -3.94 -47.54
N GLY A 41 -15.73 -3.21 -47.03
CA GLY A 41 -16.84 -3.95 -46.39
C GLY A 41 -16.66 -3.96 -44.85
N GLU A 42 -17.76 -4.15 -44.15
CA GLU A 42 -17.69 -4.43 -42.68
C GLU A 42 -17.31 -5.85 -42.37
N TYR A 43 -17.23 -6.25 -41.08
CA TYR A 43 -16.78 -7.55 -40.65
C TYR A 43 -17.71 -8.66 -41.15
N ALA A 44 -18.98 -8.50 -41.16
CA ALA A 44 -19.95 -9.52 -41.64
C ALA A 44 -19.62 -9.87 -43.06
N GLU A 45 -19.15 -8.93 -43.88
CA GLU A 45 -18.77 -9.24 -45.23
C GLU A 45 -17.37 -9.76 -45.24
N LEU A 46 -16.45 -9.28 -44.38
CA LEU A 46 -15.09 -9.80 -44.46
C LEU A 46 -15.03 -11.21 -43.86
N ALA A 47 -15.98 -11.60 -43.01
CA ALA A 47 -15.87 -12.86 -42.27
C ALA A 47 -15.87 -14.07 -43.21
N ASN A 48 -15.03 -15.01 -42.79
CA ASN A 48 -14.95 -16.27 -43.50
C ASN A 48 -15.78 -17.29 -42.72
N ASP A 49 -15.51 -18.54 -42.58
CA ASP A 49 -16.30 -19.52 -41.82
C ASP A 49 -15.50 -20.81 -41.98
N LYS A 50 -14.80 -20.88 -43.10
CA LYS A 50 -13.82 -21.88 -43.41
C LYS A 50 -12.42 -21.54 -42.86
N LEU A 51 -12.36 -21.01 -41.64
CA LEU A 51 -11.16 -20.32 -41.21
C LEU A 51 -10.98 -20.49 -39.70
N GLN A 52 -9.82 -20.99 -39.33
CA GLN A 52 -9.58 -21.41 -37.96
C GLN A 52 -9.88 -20.28 -36.97
N PHE A 53 -9.27 -19.10 -37.14
CA PHE A 53 -9.43 -18.13 -36.04
C PHE A 53 -10.44 -17.05 -36.29
N ASP A 54 -10.48 -16.42 -37.41
CA ASP A 54 -11.29 -15.32 -37.83
C ASP A 54 -10.93 -14.06 -37.05
N PRO A 55 -9.95 -13.38 -37.72
CA PRO A 55 -9.50 -12.07 -37.26
C PRO A 55 -10.65 -11.15 -37.48
N HIS A 56 -11.52 -11.44 -38.50
CA HIS A 56 -12.61 -10.53 -38.76
C HIS A 56 -13.89 -11.01 -38.17
N ASN A 57 -13.91 -11.96 -37.27
CA ASN A 57 -15.18 -12.18 -36.55
C ASN A 57 -14.83 -12.87 -35.21
N SER A 58 -14.61 -12.03 -34.19
CA SER A 58 -13.97 -12.51 -32.97
C SER A 58 -14.87 -12.03 -31.87
N HIS A 59 -14.61 -12.45 -30.61
CA HIS A 59 -15.33 -11.92 -29.46
C HIS A 59 -15.02 -10.45 -29.15
N LEU A 60 -13.93 -9.88 -29.61
CA LEU A 60 -13.64 -8.43 -29.57
C LEU A 60 -14.75 -7.58 -30.19
N GLY A 61 -15.52 -8.05 -31.18
CA GLY A 61 -16.80 -7.37 -31.55
C GLY A 61 -16.30 -6.25 -32.58
N ASP A 62 -17.03 -5.19 -32.67
CA ASP A 62 -16.87 -4.31 -33.86
C ASP A 62 -15.78 -3.28 -33.59
N ILE A 63 -14.50 -3.51 -33.79
CA ILE A 63 -13.45 -2.57 -33.43
C ILE A 63 -12.79 -1.93 -34.66
N ASN A 64 -11.91 -0.92 -34.48
CA ASN A 64 -11.21 -0.36 -35.61
C ASN A 64 -10.41 -1.40 -36.39
N CYS A 65 -10.49 -1.51 -37.75
CA CYS A 65 -9.45 -2.17 -38.50
C CYS A 65 -8.02 -1.84 -38.10
N THR A 66 -7.64 -0.57 -37.84
CA THR A 66 -6.32 -0.19 -37.45
C THR A 66 -6.03 -0.52 -35.98
N SER A 67 -6.87 -1.29 -35.26
CA SER A 67 -6.40 -2.07 -34.12
C SER A 67 -5.25 -2.95 -34.53
N CYS A 68 -5.42 -3.55 -35.73
CA CYS A 68 -4.35 -4.35 -36.23
C CYS A 68 -3.63 -3.81 -37.50
N HIS A 69 -4.41 -3.57 -38.58
CA HIS A 69 -3.73 -3.20 -39.82
C HIS A 69 -3.12 -1.80 -39.58
N LYS A 70 -1.87 -1.52 -39.92
CA LYS A 70 -1.41 -0.13 -39.70
C LYS A 70 -1.16 0.60 -41.00
N GLY A 71 -1.38 1.91 -41.01
CA GLY A 71 -1.01 2.76 -42.14
C GLY A 71 0.45 2.72 -42.48
N HIS A 72 1.30 2.93 -41.47
CA HIS A 72 2.66 3.46 -41.71
C HIS A 72 3.59 2.66 -40.78
N GLU A 73 3.24 1.43 -40.36
CA GLU A 73 4.10 0.61 -39.51
C GLU A 73 3.72 -0.86 -39.46
N GLU A 74 4.66 -1.63 -38.88
CA GLU A 74 4.44 -3.09 -38.76
C GLU A 74 3.07 -3.37 -38.22
N PRO A 75 2.26 -4.16 -38.92
CA PRO A 75 0.95 -4.54 -38.38
C PRO A 75 1.01 -5.28 -37.03
N LYS A 76 -0.03 -5.16 -36.20
CA LYS A 76 -0.27 -5.86 -34.96
C LYS A 76 -1.36 -6.93 -35.19
N PHE A 77 -0.96 -8.18 -34.96
CA PHE A 77 -2.03 -9.22 -34.85
C PHE A 77 -2.54 -9.12 -33.46
N TYR A 78 -3.62 -8.41 -33.19
CA TYR A 78 -3.82 -7.98 -31.80
C TYR A 78 -4.21 -9.22 -30.93
N CYS A 79 -4.84 -10.24 -31.54
CA CYS A 79 -5.10 -11.53 -30.90
C CYS A 79 -4.03 -12.07 -29.98
N ASN A 80 -2.80 -12.01 -30.48
CA ASN A 80 -1.62 -12.47 -29.80
C ASN A 80 -1.16 -11.56 -28.69
N GLU A 81 -1.86 -10.54 -28.21
CA GLU A 81 -1.55 -9.90 -26.95
C GLU A 81 -1.97 -10.82 -25.77
N CYS A 82 -2.92 -11.71 -26.10
CA CYS A 82 -3.46 -12.66 -25.17
C CYS A 82 -3.32 -14.11 -25.61
N HIS A 83 -3.50 -14.38 -26.89
CA HIS A 83 -3.44 -15.76 -27.35
C HIS A 83 -2.06 -16.07 -27.93
N SER A 84 -1.86 -17.25 -28.46
CA SER A 84 -0.58 -17.42 -29.19
C SER A 84 -0.86 -18.16 -30.49
N PHE A 85 -1.89 -17.78 -31.27
CA PHE A 85 -2.16 -18.47 -32.52
C PHE A 85 -0.92 -18.46 -33.40
N ASP A 86 -0.72 -19.48 -34.24
CA ASP A 86 0.47 -19.49 -35.09
C ASP A 86 -0.03 -19.08 -36.50
N ILE A 87 0.42 -17.98 -37.06
CA ILE A 87 -0.18 -17.40 -38.27
C ILE A 87 0.92 -16.93 -39.19
N LYS A 88 0.65 -16.91 -40.48
CA LYS A 88 1.64 -16.37 -41.44
C LYS A 88 1.60 -14.85 -41.27
N PRO A 89 2.74 -14.25 -41.51
CA PRO A 89 2.87 -12.76 -41.50
C PRO A 89 1.69 -12.11 -42.18
N MET A 90 1.06 -11.15 -41.50
CA MET A 90 0.02 -10.30 -41.96
C MET A 90 0.41 -9.52 -43.26
N PRO A 91 -0.57 -9.12 -44.03
CA PRO A 91 -0.24 -8.20 -45.18
C PRO A 91 0.63 -7.07 -44.65
N PHE A 92 1.60 -6.56 -45.41
CA PHE A 92 2.40 -5.39 -45.11
C PHE A 92 3.33 -5.59 -43.91
N SER A 93 3.91 -6.80 -43.77
CA SER A 93 4.58 -7.07 -42.49
C SER A 93 6.02 -6.57 -42.49
N ASP A 94 6.52 -6.12 -43.64
CA ASP A 94 7.85 -5.52 -43.63
C ASP A 94 7.81 -4.02 -43.36
N ALA A 95 6.69 -3.35 -43.19
CA ALA A 95 6.72 -1.99 -42.70
C ALA A 95 7.52 -1.88 -41.43
N LYS A 96 8.16 -0.76 -41.25
CA LYS A 96 8.89 -0.24 -40.14
C LYS A 96 8.28 -0.44 -38.75
N LYS A 97 9.06 -1.05 -37.89
CA LYS A 97 8.82 -1.27 -36.48
C LYS A 97 8.86 0.07 -35.76
N LYS A 98 7.85 0.38 -34.97
CA LYS A 98 7.82 1.66 -34.27
C LYS A 98 7.46 1.31 -32.82
N LYS A 99 7.85 2.13 -31.88
CA LYS A 99 7.50 1.92 -30.49
C LYS A 99 6.04 2.33 -30.33
N SER A 100 5.33 1.67 -29.45
CA SER A 100 4.02 2.12 -29.06
C SER A 100 3.98 3.64 -28.95
N TRP A 101 2.84 4.21 -29.34
CA TRP A 101 2.69 5.67 -29.19
C TRP A 101 2.68 6.01 -27.70
N ASP A 102 2.14 5.08 -26.91
CA ASP A 102 1.91 5.35 -25.50
C ASP A 102 3.17 5.03 -24.69
N ASP A 103 4.06 6.00 -24.59
CA ASP A 103 5.41 5.86 -24.08
C ASP A 103 5.55 6.36 -22.66
N GLY A 104 4.52 6.30 -21.82
CA GLY A 104 4.63 6.85 -20.48
C GLY A 104 4.13 8.31 -20.45
N TRP A 105 4.69 9.12 -19.57
CA TRP A 105 4.09 10.42 -19.23
C TRP A 105 5.15 11.48 -19.53
N ASP A 106 4.82 12.56 -20.21
CA ASP A 106 5.84 13.62 -20.40
C ASP A 106 5.43 14.81 -19.54
N GLN A 107 6.11 14.94 -18.37
CA GLN A 107 5.74 15.91 -17.35
C GLN A 107 5.81 17.34 -17.89
N ASP A 108 6.86 17.58 -18.67
CA ASP A 108 6.95 18.93 -19.30
C ASP A 108 5.81 19.20 -20.25
N LYS A 109 5.36 18.25 -21.08
CA LYS A 109 4.16 18.45 -21.90
C LYS A 109 2.85 18.48 -21.15
N ILE A 110 2.81 17.77 -20.02
CA ILE A 110 1.61 17.82 -19.17
C ILE A 110 1.43 19.21 -18.57
N GLN A 111 2.52 19.72 -18.01
CA GLN A 111 2.63 21.09 -17.48
C GLN A 111 2.16 22.15 -18.48
N LYS A 112 2.71 22.06 -19.69
CA LYS A 112 2.24 22.95 -20.76
C LYS A 112 0.75 22.88 -20.97
N ALA A 113 0.16 21.67 -21.01
CA ALA A 113 -1.28 21.61 -21.29
C ALA A 113 -2.09 22.16 -20.12
N ILE A 114 -1.65 21.99 -18.88
CA ILE A 114 -2.38 22.63 -17.79
C ILE A 114 -2.18 24.15 -17.78
N ALA A 115 -0.94 24.61 -17.95
CA ALA A 115 -0.65 26.07 -17.98
C ALA A 115 -1.59 26.76 -18.97
N ALA A 116 -1.61 26.26 -20.21
CA ALA A 116 -2.57 26.59 -21.23
C ALA A 116 -4.05 26.44 -20.90
N GLY A 117 -4.52 25.84 -19.83
CA GLY A 117 -5.94 25.71 -19.54
C GLY A 117 -6.69 24.81 -20.52
N PRO A 118 -7.96 24.52 -20.29
CA PRO A 118 -8.74 23.61 -21.09
C PRO A 118 -8.85 23.95 -22.57
N SER A 119 -8.63 22.99 -23.43
CA SER A 119 -8.81 23.01 -24.86
C SER A 119 -10.25 22.78 -25.30
N GLU A 120 -11.05 22.24 -24.41
CA GLU A 120 -12.45 21.94 -24.64
C GLU A 120 -13.05 21.68 -23.26
N THR A 121 -14.35 21.66 -23.08
CA THR A 121 -14.87 21.51 -21.70
C THR A 121 -16.10 20.63 -21.83
N THR A 122 -16.45 19.85 -20.83
CA THR A 122 -17.62 19.00 -20.86
C THR A 122 -18.27 19.10 -19.47
N GLN A 123 -19.38 18.45 -19.16
CA GLN A 123 -19.76 18.34 -17.74
C GLN A 123 -19.13 17.13 -17.04
N VAL A 124 -19.14 15.97 -17.74
CA VAL A 124 -18.69 14.69 -17.13
C VAL A 124 -17.67 14.03 -18.03
N LEU A 125 -16.45 13.92 -17.53
CA LEU A 125 -15.40 13.15 -18.19
C LEU A 125 -15.34 11.74 -17.57
N VAL A 126 -15.48 10.73 -18.44
CA VAL A 126 -15.45 9.34 -17.92
C VAL A 126 -14.16 8.73 -18.46
N VAL A 127 -13.27 8.36 -17.54
CA VAL A 127 -11.98 7.84 -17.96
C VAL A 127 -12.02 6.27 -17.93
N GLY A 128 -12.10 5.66 -19.13
CA GLY A 128 -12.08 4.17 -19.16
C GLY A 128 -13.42 3.70 -19.68
N ALA A 129 -13.41 2.99 -20.78
CA ALA A 129 -14.67 2.46 -21.33
C ALA A 129 -14.67 0.94 -21.21
N GLY A 130 -14.57 0.41 -20.00
CA GLY A 130 -14.89 -1.04 -19.84
C GLY A 130 -16.31 -1.02 -19.31
N SER A 131 -16.78 -1.94 -18.49
CA SER A 131 -18.20 -1.94 -18.14
C SER A 131 -18.51 -0.77 -17.24
N ALA A 132 -17.63 -0.53 -16.23
CA ALA A 132 -17.92 0.55 -15.28
C ALA A 132 -17.96 1.92 -16.00
N GLY A 133 -17.09 2.21 -16.92
CA GLY A 133 -17.13 3.52 -17.61
C GLY A 133 -18.28 3.66 -18.61
N PHE A 134 -18.60 2.54 -19.34
CA PHE A 134 -19.78 2.69 -20.19
C PHE A 134 -21.01 2.94 -19.33
N ASN A 135 -21.18 2.19 -18.23
CA ASN A 135 -22.36 2.39 -17.42
C ASN A 135 -22.39 3.81 -16.86
N ALA A 136 -21.26 4.31 -16.35
CA ALA A 136 -21.20 5.67 -15.84
C ALA A 136 -21.59 6.66 -16.97
N SER A 137 -21.01 6.60 -18.16
CA SER A 137 -21.42 7.41 -19.29
C SER A 137 -22.91 7.44 -19.62
N LEU A 138 -23.55 6.29 -19.71
CA LEU A 138 -24.97 6.20 -20.04
C LEU A 138 -25.80 6.77 -18.91
N ALA A 139 -25.45 6.53 -17.64
CA ALA A 139 -26.21 7.15 -16.55
C ALA A 139 -25.96 8.67 -16.49
N ALA A 140 -24.78 9.11 -16.91
CA ALA A 140 -24.57 10.56 -16.82
C ALA A 140 -25.40 11.25 -17.93
N LYS A 141 -25.46 10.64 -19.10
CA LYS A 141 -26.24 11.14 -20.23
C LYS A 141 -27.74 11.07 -19.91
N LYS A 142 -28.25 9.95 -19.41
CA LYS A 142 -29.59 9.89 -18.90
C LYS A 142 -29.92 10.98 -17.87
N ALA A 143 -28.96 11.35 -17.03
CA ALA A 143 -29.23 12.33 -15.98
C ALA A 143 -29.23 13.74 -16.59
N GLY A 144 -28.56 13.94 -17.71
CA GLY A 144 -28.84 15.07 -18.57
C GLY A 144 -27.56 15.88 -18.69
N ALA A 145 -26.45 15.18 -18.42
CA ALA A 145 -25.18 15.90 -18.51
C ALA A 145 -24.56 15.62 -19.85
N ASN A 146 -23.77 16.58 -20.35
CA ASN A 146 -22.88 16.23 -21.46
C ASN A 146 -21.69 15.41 -20.93
N VAL A 147 -21.16 14.52 -21.77
CA VAL A 147 -20.21 13.50 -21.35
C VAL A 147 -19.14 13.34 -22.41
N ILE A 148 -17.87 13.27 -22.02
CA ILE A 148 -16.84 12.74 -22.90
C ILE A 148 -16.43 11.36 -22.31
N LEU A 149 -16.21 10.37 -23.16
CA LEU A 149 -15.85 9.04 -22.64
C LEU A 149 -14.49 8.81 -23.25
N VAL A 150 -13.41 8.56 -22.53
CA VAL A 150 -12.13 8.34 -23.18
C VAL A 150 -11.54 6.97 -22.86
N ASP A 151 -10.76 6.37 -23.81
CA ASP A 151 -10.13 5.11 -23.40
C ASP A 151 -8.75 5.12 -24.00
N LYS A 152 -7.70 4.65 -23.30
CA LYS A 152 -6.36 4.73 -23.90
C LYS A 152 -6.10 3.63 -24.92
N ALA A 153 -6.96 2.63 -24.94
CA ALA A 153 -6.64 1.45 -25.78
C ALA A 153 -7.19 1.66 -27.21
N PRO A 154 -6.82 0.78 -28.10
CA PRO A 154 -7.22 0.74 -29.50
C PRO A 154 -8.72 0.56 -29.73
N PHE A 155 -9.38 -0.08 -28.76
CA PHE A 155 -10.76 -0.47 -28.89
C PHE A 155 -11.18 -0.43 -27.45
N SER A 156 -12.46 -0.30 -27.22
CA SER A 156 -12.89 -0.36 -25.86
C SER A 156 -13.28 -1.77 -25.34
N GLY A 157 -13.45 -1.78 -24.00
CA GLY A 157 -13.84 -3.01 -23.30
C GLY A 157 -12.94 -3.52 -22.17
N GLY A 158 -11.61 -3.32 -22.18
CA GLY A 158 -10.77 -3.60 -21.03
C GLY A 158 -10.87 -5.13 -20.63
N ASN A 159 -10.84 -5.39 -19.31
CA ASN A 159 -10.99 -6.75 -18.82
C ASN A 159 -12.45 -7.21 -18.95
N SER A 160 -13.39 -6.27 -18.80
CA SER A 160 -14.78 -6.56 -18.80
C SER A 160 -15.19 -7.39 -20.02
N MET A 161 -14.58 -7.19 -21.19
CA MET A 161 -15.03 -7.81 -22.41
C MET A 161 -14.52 -9.23 -22.52
N ILE A 162 -13.55 -9.62 -21.67
CA ILE A 162 -13.05 -11.01 -21.76
C ILE A 162 -13.58 -11.82 -20.59
N SER A 163 -14.46 -11.23 -19.84
CA SER A 163 -15.14 -11.83 -18.71
C SER A 163 -16.11 -12.91 -19.24
N ALA A 164 -16.09 -13.98 -18.50
CA ALA A 164 -16.46 -15.32 -18.45
C ALA A 164 -17.70 -15.85 -17.74
N GLY A 165 -17.88 -15.39 -16.51
CA GLY A 165 -18.67 -16.11 -15.51
C GLY A 165 -19.77 -15.23 -14.96
N GLY A 166 -20.44 -14.47 -15.78
CA GLY A 166 -21.48 -13.59 -15.52
C GLY A 166 -21.54 -12.65 -14.35
N MET A 167 -22.74 -12.27 -13.98
CA MET A 167 -23.11 -11.19 -13.09
C MET A 167 -24.05 -11.71 -12.01
N ASN A 168 -23.64 -11.59 -10.76
CA ASN A 168 -24.42 -11.90 -9.58
C ASN A 168 -25.53 -10.90 -9.35
N ALA A 169 -26.73 -11.41 -9.09
CA ALA A 169 -27.84 -10.53 -8.67
C ALA A 169 -28.80 -11.36 -7.80
N VAL A 170 -29.57 -10.71 -6.97
CA VAL A 170 -30.50 -11.36 -6.07
C VAL A 170 -31.89 -10.78 -6.39
N GLY A 171 -32.91 -11.62 -6.49
CA GLY A 171 -34.27 -11.14 -6.74
C GLY A 171 -34.55 -10.99 -8.22
N THR A 172 -33.97 -11.77 -9.11
CA THR A 172 -34.29 -11.50 -10.53
C THR A 172 -35.40 -12.42 -11.00
N LYS A 173 -35.94 -12.05 -12.15
CA LYS A 173 -36.94 -12.94 -12.79
C LYS A 173 -36.23 -14.21 -13.24
N GLN A 174 -34.92 -14.27 -13.52
CA GLN A 174 -34.31 -15.56 -13.85
C GLN A 174 -34.29 -16.50 -12.62
N GLN A 175 -34.20 -15.91 -11.43
CA GLN A 175 -34.24 -16.73 -10.23
C GLN A 175 -35.68 -17.22 -10.05
N THR A 176 -36.71 -16.44 -10.35
CA THR A 176 -38.05 -16.89 -10.08
C THR A 176 -38.50 -17.94 -11.14
N ALA A 177 -37.91 -17.89 -12.31
CA ALA A 177 -38.23 -18.84 -13.36
C ALA A 177 -37.60 -20.17 -13.03
N HIS A 178 -36.50 -20.18 -12.29
CA HIS A 178 -35.80 -21.46 -12.06
C HIS A 178 -36.11 -22.02 -10.67
N GLY A 179 -37.06 -21.48 -9.94
CA GLY A 179 -37.41 -21.97 -8.62
C GLY A 179 -36.32 -21.76 -7.58
N VAL A 180 -35.50 -20.74 -7.78
CA VAL A 180 -34.43 -20.44 -6.84
C VAL A 180 -34.88 -19.36 -5.87
N GLU A 181 -34.87 -19.68 -4.60
CA GLU A 181 -35.11 -18.68 -3.55
C GLU A 181 -33.79 -18.06 -3.12
N ASP A 182 -33.72 -16.75 -2.99
CA ASP A 182 -32.49 -16.07 -2.60
C ASP A 182 -32.93 -14.85 -1.81
N LYS A 183 -32.05 -14.25 -1.01
CA LYS A 183 -32.40 -13.10 -0.19
C LYS A 183 -31.20 -12.15 -0.23
N VAL A 184 -31.50 -10.89 -0.18
CA VAL A 184 -30.47 -9.87 -0.17
C VAL A 184 -29.44 -10.13 0.92
N GLU A 185 -29.86 -10.57 2.11
CA GLU A 185 -28.98 -10.79 3.22
C GLU A 185 -28.08 -11.96 2.89
N TRP A 186 -28.55 -12.96 2.14
CA TRP A 186 -27.68 -14.06 1.74
C TRP A 186 -26.57 -13.59 0.81
N PHE A 187 -26.96 -12.79 -0.16
CA PHE A 187 -25.97 -12.16 -1.07
C PHE A 187 -24.94 -11.38 -0.25
N ILE A 188 -25.44 -10.53 0.66
CA ILE A 188 -24.59 -9.73 1.53
C ILE A 188 -23.67 -10.54 2.37
N GLU A 189 -24.16 -11.53 3.13
CA GLU A 189 -23.31 -12.40 3.93
C GLU A 189 -22.30 -13.20 3.11
N ASP A 190 -22.77 -13.76 1.97
CA ASP A 190 -21.87 -14.52 1.12
C ASP A 190 -20.68 -13.68 0.70
N ALA A 191 -20.94 -12.44 0.26
CA ALA A 191 -19.86 -11.54 -0.12
C ALA A 191 -18.93 -11.26 1.08
N MET A 192 -19.55 -10.99 2.24
CA MET A 192 -18.74 -10.55 3.40
C MET A 192 -17.78 -11.64 3.81
N LYS A 193 -18.31 -12.87 3.77
CA LYS A 193 -17.57 -14.08 4.08
C LYS A 193 -16.51 -14.33 3.01
N GLY A 194 -16.94 -14.12 1.73
CA GLY A 194 -15.93 -14.37 0.66
C GLY A 194 -14.80 -13.34 0.80
N GLY A 195 -15.07 -12.12 1.25
CA GLY A 195 -14.06 -11.10 1.48
C GLY A 195 -13.29 -11.17 2.79
N ARG A 196 -13.41 -12.25 3.57
CA ARG A 196 -12.89 -12.40 4.93
C ARG A 196 -13.38 -11.36 5.92
N GLN A 197 -14.55 -10.80 5.75
CA GLN A 197 -15.25 -9.87 6.60
C GLN A 197 -14.59 -8.49 6.52
N GLN A 198 -13.85 -8.17 5.48
CA GLN A 198 -13.16 -6.87 5.35
C GLN A 198 -13.86 -5.88 4.43
N ASN A 199 -14.86 -6.38 3.68
CA ASN A 199 -15.58 -5.57 2.73
C ASN A 199 -16.26 -4.43 3.50
N ASP A 200 -16.31 -3.26 2.91
CA ASP A 200 -17.20 -2.19 3.31
C ASP A 200 -18.67 -2.61 3.16
N ILE A 201 -19.27 -2.93 4.32
CA ILE A 201 -20.61 -3.50 4.42
C ILE A 201 -21.62 -2.60 3.76
N LYS A 202 -21.41 -1.29 3.73
CA LYS A 202 -22.32 -0.41 3.07
C LYS A 202 -22.25 -0.54 1.55
N LEU A 203 -21.03 -0.78 1.05
CA LEU A 203 -20.93 -0.89 -0.42
C LEU A 203 -21.57 -2.23 -0.83
N VAL A 204 -21.34 -3.27 -0.02
CA VAL A 204 -21.87 -4.59 -0.25
C VAL A 204 -23.40 -4.61 -0.28
N THR A 205 -24.00 -3.91 0.68
CA THR A 205 -25.46 -3.77 0.74
C THR A 205 -26.06 -3.13 -0.49
N ILE A 206 -25.54 -2.03 -0.97
CA ILE A 206 -25.92 -1.42 -2.25
C ILE A 206 -25.71 -2.34 -3.44
N LEU A 207 -24.55 -3.01 -3.44
CA LEU A 207 -24.28 -4.01 -4.45
C LEU A 207 -25.45 -5.02 -4.49
N ALA A 208 -25.78 -5.63 -3.36
CA ALA A 208 -26.84 -6.62 -3.28
C ALA A 208 -28.18 -5.99 -3.69
N GLU A 209 -28.49 -4.83 -3.14
CA GLU A 209 -29.80 -4.24 -3.29
C GLU A 209 -30.12 -3.86 -4.72
N GLN A 210 -29.15 -3.47 -5.52
CA GLN A 210 -29.34 -2.88 -6.82
C GLN A 210 -28.92 -3.77 -7.98
N SER A 211 -28.51 -4.98 -7.69
CA SER A 211 -28.01 -5.96 -8.61
C SER A 211 -29.11 -6.43 -9.56
N ALA A 212 -30.34 -6.71 -9.11
CA ALA A 212 -31.41 -7.06 -10.06
C ALA A 212 -31.74 -5.95 -11.03
N ASP A 213 -31.87 -4.72 -10.52
CA ASP A 213 -32.02 -3.51 -11.30
C ASP A 213 -30.89 -3.38 -12.31
N GLY A 214 -29.63 -3.63 -11.96
CA GLY A 214 -28.57 -3.63 -12.98
C GLY A 214 -28.75 -4.67 -14.08
N VAL A 215 -29.18 -5.90 -13.79
CA VAL A 215 -29.38 -6.95 -14.77
C VAL A 215 -30.51 -6.50 -15.72
N GLN A 216 -31.58 -5.96 -15.11
CA GLN A 216 -32.67 -5.37 -15.84
C GLN A 216 -32.29 -4.20 -16.73
N TRP A 217 -31.49 -3.31 -16.18
CA TRP A 217 -30.87 -2.24 -16.97
C TRP A 217 -30.11 -2.78 -18.14
N LEU A 218 -29.25 -3.81 -17.98
CA LEU A 218 -28.55 -4.32 -19.17
C LEU A 218 -29.51 -4.94 -20.20
N GLU A 219 -30.51 -5.66 -19.71
CA GLU A 219 -31.57 -6.24 -20.49
C GLU A 219 -32.42 -5.17 -21.21
N SER A 220 -32.75 -4.07 -20.57
CA SER A 220 -33.37 -2.99 -21.34
C SER A 220 -32.50 -2.57 -22.51
N LEU A 221 -31.19 -2.76 -22.55
CA LEU A 221 -30.37 -2.30 -23.64
C LEU A 221 -30.24 -3.43 -24.61
N GLY A 222 -30.79 -4.64 -24.35
CA GLY A 222 -30.69 -5.67 -25.35
C GLY A 222 -29.82 -6.86 -24.96
N ALA A 223 -29.20 -6.82 -23.76
CA ALA A 223 -28.38 -7.93 -23.37
C ALA A 223 -29.24 -9.13 -22.99
N ASN A 224 -28.72 -10.31 -23.33
CA ASN A 224 -29.38 -11.50 -22.81
C ASN A 224 -28.59 -12.02 -21.59
N LEU A 225 -29.20 -12.18 -20.43
CA LEU A 225 -28.61 -12.82 -19.26
C LEU A 225 -29.62 -13.82 -18.70
N ASP A 226 -30.12 -14.73 -19.55
CA ASP A 226 -31.10 -15.70 -19.06
C ASP A 226 -30.55 -16.94 -18.38
N ASP A 227 -29.31 -17.38 -18.60
CA ASP A 227 -28.80 -18.58 -17.97
C ASP A 227 -28.46 -18.28 -16.51
N LEU A 228 -28.85 -19.20 -15.63
CA LEU A 228 -28.63 -19.02 -14.19
C LEU A 228 -27.80 -20.18 -13.64
N LYS A 229 -26.68 -19.89 -13.01
CA LYS A 229 -25.80 -20.86 -12.46
C LYS A 229 -25.27 -20.35 -11.09
N ARG A 230 -24.60 -21.34 -10.49
CA ARG A 230 -24.07 -21.15 -9.18
C ARG A 230 -22.59 -20.92 -9.33
N SER A 231 -22.07 -19.98 -8.52
CA SER A 231 -20.65 -19.77 -8.53
C SER A 231 -20.11 -19.92 -7.09
N GLY A 232 -18.82 -20.11 -7.06
CA GLY A 232 -18.05 -20.33 -5.85
C GLY A 232 -18.30 -19.30 -4.80
N GLY A 233 -18.67 -19.75 -3.58
CA GLY A 233 -18.92 -18.87 -2.46
C GLY A 233 -20.38 -18.47 -2.38
N ALA A 234 -21.16 -18.85 -3.39
CA ALA A 234 -22.57 -18.44 -3.34
C ALA A 234 -23.37 -19.65 -2.81
N ARG A 235 -24.38 -19.34 -2.01
CA ARG A 235 -25.06 -20.45 -1.35
C ARG A 235 -26.24 -20.91 -2.20
N VAL A 236 -26.76 -20.10 -3.10
CA VAL A 236 -27.72 -20.47 -4.13
C VAL A 236 -27.26 -19.87 -5.49
N ASP A 237 -27.98 -20.22 -6.55
CA ASP A 237 -27.60 -19.89 -7.91
C ASP A 237 -27.94 -18.41 -8.16
N ARG A 238 -26.98 -17.59 -8.47
CA ARG A 238 -27.23 -16.13 -8.58
C ARG A 238 -26.52 -15.50 -9.75
N THR A 239 -25.73 -16.22 -10.50
CA THR A 239 -24.87 -15.75 -11.57
C THR A 239 -25.58 -15.83 -12.91
N HIS A 240 -25.84 -14.72 -13.59
CA HIS A 240 -26.56 -14.59 -14.83
C HIS A 240 -25.57 -14.38 -16.00
N ARG A 241 -25.70 -15.20 -17.03
CA ARG A 241 -24.93 -15.34 -18.22
C ARG A 241 -25.93 -15.41 -19.40
N PRO A 242 -25.50 -15.13 -20.59
CA PRO A 242 -26.31 -15.17 -21.81
C PRO A 242 -26.82 -16.60 -21.98
N HIS A 243 -28.06 -16.76 -22.40
CA HIS A 243 -28.59 -18.12 -22.65
C HIS A 243 -27.62 -18.90 -23.52
N GLY A 244 -27.66 -18.72 -24.81
CA GLY A 244 -26.52 -19.41 -25.53
C GLY A 244 -25.73 -18.20 -26.09
N GLY A 245 -25.21 -18.36 -27.31
CA GLY A 245 -24.58 -17.17 -27.93
C GLY A 245 -23.27 -16.79 -27.22
N LYS A 246 -23.04 -15.51 -27.00
CA LYS A 246 -21.74 -15.05 -26.46
C LYS A 246 -21.56 -15.45 -24.99
N SER A 247 -20.34 -15.53 -24.52
CA SER A 247 -19.86 -15.25 -23.19
C SER A 247 -20.36 -13.95 -22.58
N SER A 248 -20.42 -13.87 -21.24
CA SER A 248 -21.05 -12.69 -20.67
C SER A 248 -20.26 -11.40 -20.89
N GLY A 249 -18.97 -11.32 -20.92
CA GLY A 249 -18.10 -10.20 -21.16
C GLY A 249 -18.47 -9.55 -22.52
N PRO A 250 -18.38 -10.35 -23.60
CA PRO A 250 -18.61 -9.87 -24.96
C PRO A 250 -20.06 -9.45 -25.07
N GLU A 251 -20.99 -10.25 -24.55
CA GLU A 251 -22.37 -9.79 -24.53
C GLU A 251 -22.47 -8.41 -23.90
N ILE A 252 -21.96 -8.29 -22.65
CA ILE A 252 -22.16 -7.03 -21.92
C ILE A 252 -21.52 -5.81 -22.60
N ILE A 253 -20.32 -5.85 -23.05
CA ILE A 253 -19.55 -4.77 -23.68
C ILE A 253 -20.11 -4.59 -25.10
N ASP A 254 -20.51 -5.67 -25.80
CA ASP A 254 -21.20 -5.46 -27.09
C ASP A 254 -22.46 -4.63 -26.83
N THR A 255 -23.22 -4.92 -25.78
CA THR A 255 -24.47 -4.25 -25.52
C THR A 255 -24.26 -2.78 -25.12
N LEU A 256 -23.25 -2.52 -24.28
CA LEU A 256 -22.95 -1.18 -23.82
C LEU A 256 -22.31 -0.37 -24.97
N ARG A 257 -21.47 -0.92 -25.84
CA ARG A 257 -20.97 -0.20 -26.97
C ARG A 257 -22.11 0.30 -27.88
N LYS A 258 -23.02 -0.63 -28.23
CA LYS A 258 -24.15 -0.22 -29.05
C LYS A 258 -25.03 0.80 -28.33
N ALA A 259 -25.38 0.60 -27.07
CA ALA A 259 -26.15 1.66 -26.41
C ALA A 259 -25.38 2.96 -26.26
N ALA A 260 -24.06 3.03 -26.20
CA ALA A 260 -23.42 4.33 -26.04
C ALA A 260 -23.46 5.02 -27.41
N LYS A 261 -23.27 4.30 -28.49
CA LYS A 261 -23.41 4.81 -29.84
C LYS A 261 -24.84 5.22 -30.13
N GLU A 262 -25.91 4.54 -29.75
CA GLU A 262 -27.27 5.02 -29.93
C GLU A 262 -27.61 6.29 -29.15
N GLN A 263 -27.06 6.59 -28.00
CA GLN A 263 -27.33 7.77 -27.21
C GLN A 263 -26.37 8.90 -27.57
N GLY A 264 -25.56 8.77 -28.58
CA GLY A 264 -24.58 9.73 -29.03
C GLY A 264 -23.33 9.96 -28.21
N ILE A 265 -23.03 9.07 -27.27
CA ILE A 265 -21.74 9.06 -26.59
C ILE A 265 -20.75 8.30 -27.47
N ASP A 266 -19.82 8.99 -28.11
CA ASP A 266 -18.80 8.21 -28.81
C ASP A 266 -17.59 8.01 -27.91
N THR A 267 -16.97 6.84 -27.82
CA THR A 267 -15.71 6.78 -27.10
C THR A 267 -14.57 7.47 -27.82
N ARG A 268 -13.74 8.27 -27.14
CA ARG A 268 -12.49 8.70 -27.77
C ARG A 268 -11.43 7.67 -27.47
N LEU A 269 -10.89 6.99 -28.45
CA LEU A 269 -9.94 5.92 -28.37
C LEU A 269 -8.55 6.51 -28.43
N ASN A 270 -7.57 5.65 -28.13
CA ASN A 270 -6.13 5.96 -28.10
C ASN A 270 -5.92 7.34 -27.41
N SER A 271 -6.60 7.56 -26.29
CA SER A 271 -6.57 8.75 -25.47
C SER A 271 -6.34 8.34 -24.00
N ARG A 272 -5.09 8.42 -23.58
CA ARG A 272 -4.71 8.13 -22.23
C ARG A 272 -4.69 9.36 -21.30
N VAL A 273 -5.51 9.20 -20.26
CA VAL A 273 -5.54 10.23 -19.23
C VAL A 273 -4.26 10.02 -18.37
N VAL A 274 -3.52 11.11 -18.18
CA VAL A 274 -2.24 11.07 -17.47
C VAL A 274 -2.13 11.91 -16.22
N LYS A 275 -3.09 12.80 -15.91
CA LYS A 275 -3.08 13.60 -14.73
C LYS A 275 -4.45 14.13 -14.41
N LEU A 276 -4.87 14.19 -13.19
CA LEU A 276 -6.12 14.87 -12.84
C LEU A 276 -5.69 16.31 -12.45
N VAL A 277 -6.46 17.28 -12.88
CA VAL A 277 -6.04 18.70 -12.69
C VAL A 277 -6.87 19.19 -11.53
N VAL A 278 -6.20 19.64 -10.48
CA VAL A 278 -6.97 20.17 -9.33
C VAL A 278 -6.78 21.69 -9.28
N ASN A 279 -7.79 22.47 -8.92
CA ASN A 279 -7.64 23.94 -8.88
C ASN A 279 -6.98 24.31 -7.54
N ASP A 280 -7.12 25.56 -7.08
CA ASP A 280 -6.61 25.86 -5.74
C ASP A 280 -7.55 25.57 -4.60
N ASP A 281 -8.84 25.30 -4.77
CA ASP A 281 -9.62 24.85 -3.61
C ASP A 281 -9.73 23.33 -3.56
N HIS A 282 -8.70 22.56 -3.89
CA HIS A 282 -8.76 21.11 -3.82
C HIS A 282 -9.89 20.51 -4.66
N SER A 283 -10.20 21.08 -5.81
CA SER A 283 -11.29 20.63 -6.64
C SER A 283 -10.70 20.01 -7.92
N VAL A 284 -11.22 18.83 -8.28
CA VAL A 284 -10.77 18.27 -9.56
C VAL A 284 -11.55 19.05 -10.62
N VAL A 285 -10.82 19.57 -11.59
CA VAL A 285 -11.48 20.35 -12.64
C VAL A 285 -11.11 19.87 -14.03
N GLY A 286 -10.57 18.68 -14.23
CA GLY A 286 -10.47 18.17 -15.64
C GLY A 286 -9.19 17.31 -15.60
N ALA A 287 -8.53 17.09 -16.73
CA ALA A 287 -7.51 16.03 -16.70
C ALA A 287 -6.71 16.22 -17.96
N VAL A 288 -5.44 15.92 -17.96
CA VAL A 288 -4.63 15.93 -19.15
C VAL A 288 -4.68 14.56 -19.80
N VAL A 289 -5.01 14.61 -21.07
CA VAL A 289 -5.09 13.54 -22.02
C VAL A 289 -3.87 13.57 -22.96
N HIS A 290 -3.21 12.42 -23.06
CA HIS A 290 -2.29 12.16 -24.15
C HIS A 290 -2.97 11.34 -25.24
N GLY A 291 -3.30 12.04 -26.33
CA GLY A 291 -3.94 11.46 -27.49
C GLY A 291 -2.81 11.05 -28.40
N LYS A 292 -3.02 9.90 -29.06
CA LYS A 292 -1.96 9.39 -29.93
C LYS A 292 -1.58 10.39 -31.02
N HIS A 293 -2.56 11.02 -31.62
CA HIS A 293 -2.23 11.87 -32.80
C HIS A 293 -2.13 13.33 -32.37
N THR A 294 -3.04 13.69 -31.47
CA THR A 294 -3.16 15.12 -31.12
C THR A 294 -2.18 15.51 -30.03
N GLY A 295 -1.65 14.55 -29.25
CA GLY A 295 -0.67 14.91 -28.23
C GLY A 295 -1.40 15.23 -26.95
N TYR A 296 -0.80 16.07 -26.12
CA TYR A 296 -1.29 16.36 -24.79
C TYR A 296 -2.19 17.54 -24.81
N TYR A 297 -3.30 17.45 -24.12
CA TYR A 297 -4.26 18.55 -24.07
C TYR A 297 -5.12 18.41 -22.82
N MET A 298 -5.84 19.43 -22.45
CA MET A 298 -6.56 19.39 -21.18
C MET A 298 -8.03 19.50 -21.59
N ILE A 299 -8.83 18.67 -20.91
CA ILE A 299 -10.26 18.76 -20.95
C ILE A 299 -10.69 19.31 -19.59
N GLY A 300 -11.49 20.38 -19.54
CA GLY A 300 -11.95 20.84 -18.21
C GLY A 300 -13.32 20.21 -18.04
N ALA A 301 -13.69 19.96 -16.80
CA ALA A 301 -14.90 19.17 -16.58
C ALA A 301 -15.29 19.47 -15.13
N LYS A 302 -16.57 19.58 -14.88
CA LYS A 302 -17.04 19.69 -13.52
C LYS A 302 -16.97 18.33 -12.81
N SER A 303 -17.19 17.20 -13.54
CA SER A 303 -16.95 15.91 -12.85
C SER A 303 -16.11 14.96 -13.71
N VAL A 304 -15.26 14.19 -13.09
CA VAL A 304 -14.33 13.22 -13.65
C VAL A 304 -14.62 11.90 -12.92
N VAL A 305 -14.92 10.84 -13.67
CA VAL A 305 -15.24 9.51 -13.14
C VAL A 305 -14.09 8.56 -13.54
N LEU A 306 -13.33 8.09 -12.60
CA LEU A 306 -12.31 7.08 -12.86
C LEU A 306 -13.01 5.74 -13.12
N ALA A 307 -12.82 5.12 -14.26
CA ALA A 307 -13.47 3.76 -14.43
C ALA A 307 -12.40 2.99 -15.16
N THR A 308 -11.18 3.14 -14.67
CA THR A 308 -10.03 2.61 -15.39
C THR A 308 -9.64 1.19 -15.04
N GLY A 309 -10.37 0.44 -14.22
CA GLY A 309 -10.02 -1.00 -14.08
C GLY A 309 -8.90 -1.27 -13.12
N GLY A 310 -8.23 -2.46 -13.15
CA GLY A 310 -7.45 -2.83 -11.94
C GLY A 310 -5.95 -2.59 -12.26
N TYR A 311 -5.04 -3.14 -11.48
CA TYR A 311 -3.62 -2.82 -11.63
C TYR A 311 -2.84 -4.12 -11.80
N GLY A 312 -3.52 -5.18 -12.30
CA GLY A 312 -2.79 -6.49 -12.28
C GLY A 312 -1.72 -6.58 -13.29
N MET A 313 -1.66 -5.73 -14.35
CA MET A 313 -0.52 -5.83 -15.29
C MET A 313 0.52 -4.74 -15.01
N ASN A 314 0.36 -4.03 -13.90
CA ASN A 314 1.44 -3.04 -13.58
C ASN A 314 2.41 -3.79 -12.71
N LYS A 315 3.55 -4.16 -13.24
CA LYS A 315 4.60 -4.90 -12.57
C LYS A 315 5.24 -4.19 -11.37
N GLU A 316 5.33 -2.87 -11.44
CA GLU A 316 5.94 -2.14 -10.30
C GLU A 316 4.95 -2.09 -9.16
N MET A 317 3.67 -1.83 -9.44
CA MET A 317 2.71 -1.81 -8.37
C MET A 317 2.59 -3.20 -7.73
N ILE A 318 2.46 -4.26 -8.56
CA ILE A 318 2.43 -5.64 -8.00
C ILE A 318 3.65 -5.97 -7.16
N ALA A 319 4.86 -5.74 -7.62
CA ALA A 319 6.09 -6.00 -6.91
C ALA A 319 6.13 -5.16 -5.62
N TYR A 320 5.55 -3.96 -5.58
CA TYR A 320 5.53 -3.19 -4.36
C TYR A 320 4.53 -3.64 -3.31
N TYR A 321 3.34 -4.00 -3.70
CA TYR A 321 2.27 -4.38 -2.80
C TYR A 321 2.37 -5.86 -2.48
N ARG A 322 2.80 -6.71 -3.43
CA ARG A 322 2.71 -8.15 -3.30
C ARG A 322 3.93 -8.78 -3.98
N PRO A 323 5.14 -8.56 -3.47
CA PRO A 323 6.33 -9.12 -4.01
C PRO A 323 6.39 -10.62 -4.17
N THR A 324 5.64 -11.45 -3.48
CA THR A 324 5.73 -12.88 -3.61
C THR A 324 4.88 -13.33 -4.81
N MET A 325 4.14 -12.38 -5.40
CA MET A 325 3.40 -12.60 -6.61
C MET A 325 4.11 -12.01 -7.81
N LYS A 326 5.30 -11.43 -7.70
CA LYS A 326 5.88 -10.71 -8.82
C LYS A 326 6.24 -11.61 -10.03
N ASP A 327 6.40 -12.90 -9.88
CA ASP A 327 6.74 -13.77 -11.00
C ASP A 327 5.52 -14.49 -11.56
N MET A 328 4.30 -14.18 -11.14
CA MET A 328 3.10 -14.71 -11.73
C MET A 328 2.88 -14.12 -13.14
N THR A 329 2.12 -14.74 -14.04
CA THR A 329 1.60 -14.10 -15.20
C THR A 329 0.34 -13.28 -14.85
N SER A 330 -0.66 -13.19 -15.77
CA SER A 330 -1.88 -12.50 -15.36
C SER A 330 -2.86 -12.99 -16.39
N SER A 331 -4.14 -13.02 -16.14
CA SER A 331 -5.06 -13.33 -17.19
C SER A 331 -5.59 -12.02 -17.84
N ASN A 332 -5.18 -10.83 -17.39
CA ASN A 332 -5.80 -9.58 -17.74
C ASN A 332 -5.57 -9.12 -19.17
N ASN A 333 -6.44 -8.21 -19.62
CA ASN A 333 -6.00 -7.41 -20.81
C ASN A 333 -4.84 -6.50 -20.40
N ILE A 334 -3.96 -6.11 -21.34
CA ILE A 334 -2.82 -5.26 -21.15
C ILE A 334 -3.20 -3.80 -20.82
N THR A 335 -4.44 -3.41 -20.75
CA THR A 335 -4.93 -2.13 -20.30
C THR A 335 -4.90 -1.94 -18.79
N ALA A 336 -4.60 -3.01 -17.99
CA ALA A 336 -4.94 -2.94 -16.57
C ALA A 336 -3.67 -2.58 -15.79
N THR A 337 -3.26 -1.29 -15.92
CA THR A 337 -2.00 -0.84 -15.43
C THR A 337 -2.10 0.12 -14.23
N GLY A 338 -3.28 0.19 -13.63
CA GLY A 338 -3.39 0.86 -12.32
C GLY A 338 -3.38 2.41 -12.47
N ASP A 339 -3.63 2.95 -13.70
CA ASP A 339 -3.40 4.37 -13.91
C ASP A 339 -4.30 5.17 -12.98
N GLY A 340 -5.54 4.74 -12.89
CA GLY A 340 -6.59 5.42 -12.14
C GLY A 340 -6.24 5.57 -10.65
N VAL A 341 -5.73 4.48 -10.06
CA VAL A 341 -5.10 4.51 -8.76
C VAL A 341 -3.87 5.41 -8.68
N LEU A 342 -2.90 5.36 -9.62
CA LEU A 342 -1.77 6.22 -9.55
C LEU A 342 -2.14 7.71 -9.61
N MET A 343 -3.00 8.15 -10.52
CA MET A 343 -3.38 9.56 -10.67
C MET A 343 -4.16 10.03 -9.43
N ALA A 344 -4.94 9.14 -8.85
CA ALA A 344 -5.74 9.45 -7.67
C ALA A 344 -4.84 9.65 -6.46
N LYS A 345 -3.90 8.78 -6.25
CA LYS A 345 -2.94 8.80 -5.17
C LYS A 345 -2.11 10.09 -5.18
N GLU A 346 -1.63 10.47 -6.33
CA GLU A 346 -0.82 11.63 -6.64
C GLU A 346 -1.53 12.93 -6.24
N ILE A 347 -2.84 13.08 -6.25
CA ILE A 347 -3.48 14.28 -5.79
C ILE A 347 -4.02 14.14 -4.37
N GLY A 348 -3.79 13.08 -3.63
CA GLY A 348 -4.20 12.96 -2.24
C GLY A 348 -5.42 12.12 -1.97
N ALA A 349 -5.89 11.37 -3.00
CA ALA A 349 -7.00 10.44 -2.66
C ALA A 349 -6.48 9.40 -1.67
N SER A 350 -7.27 8.99 -0.72
CA SER A 350 -7.00 7.74 -0.01
C SER A 350 -7.41 6.48 -0.80
N MET A 351 -6.94 5.33 -0.34
CA MET A 351 -7.11 4.03 -0.92
C MET A 351 -7.82 3.09 0.05
N THR A 352 -8.40 2.03 -0.42
CA THR A 352 -9.04 1.02 0.48
C THR A 352 -8.41 -0.34 0.18
N ASP A 353 -7.95 -1.06 1.20
CA ASP A 353 -7.34 -2.37 0.97
C ASP A 353 -6.41 -2.40 -0.22
N ILE A 354 -5.48 -1.42 -0.34
CA ILE A 354 -4.89 -1.10 -1.65
C ILE A 354 -4.08 -2.27 -2.20
N ASP A 355 -3.50 -3.04 -1.26
CA ASP A 355 -2.50 -4.03 -1.64
C ASP A 355 -3.11 -5.42 -1.84
N TRP A 356 -4.40 -5.60 -1.90
CA TRP A 356 -5.04 -6.93 -1.89
C TRP A 356 -5.25 -7.41 -3.33
N VAL A 357 -4.45 -8.39 -3.74
CA VAL A 357 -4.38 -8.92 -5.09
C VAL A 357 -4.73 -10.43 -5.13
N GLN A 358 -5.77 -10.66 -5.97
CA GLN A 358 -6.28 -12.04 -6.18
C GLN A 358 -5.60 -12.59 -7.43
N ALA A 359 -5.24 -13.87 -7.24
CA ALA A 359 -4.61 -14.58 -8.37
C ALA A 359 -5.35 -15.85 -8.74
N HIS A 360 -4.91 -16.50 -9.81
CA HIS A 360 -5.52 -17.77 -10.20
C HIS A 360 -4.34 -18.71 -10.34
N PRO A 361 -4.43 -19.92 -9.80
CA PRO A 361 -3.39 -20.88 -9.88
C PRO A 361 -2.82 -21.34 -11.17
N THR A 362 -3.50 -21.61 -12.26
CA THR A 362 -2.97 -22.18 -13.45
C THR A 362 -3.56 -21.41 -14.65
N VAL A 363 -2.95 -20.24 -14.93
CA VAL A 363 -3.25 -19.45 -16.15
C VAL A 363 -2.31 -19.89 -17.25
N GLY A 364 -2.75 -19.93 -18.52
CA GLY A 364 -1.78 -20.36 -19.53
C GLY A 364 -0.56 -19.49 -19.59
N LYS A 365 0.63 -19.96 -19.84
CA LYS A 365 1.82 -19.15 -19.78
C LYS A 365 2.05 -18.49 -21.15
N ASP A 366 1.61 -19.15 -22.22
CA ASP A 366 1.62 -18.69 -23.58
C ASP A 366 0.33 -18.00 -23.99
N SER A 367 -0.77 -18.72 -24.01
CA SER A 367 -2.10 -18.16 -24.18
C SER A 367 -2.67 -17.85 -22.80
N ARG A 368 -2.83 -16.56 -22.46
CA ARG A 368 -3.05 -16.17 -21.07
C ARG A 368 -4.46 -16.32 -20.65
N ILE A 369 -4.95 -17.55 -20.72
CA ILE A 369 -6.35 -17.83 -20.39
C ILE A 369 -6.34 -18.78 -19.17
N LEU A 370 -7.30 -18.77 -18.33
CA LEU A 370 -7.52 -19.60 -17.17
C LEU A 370 -7.55 -21.10 -17.59
N ILE A 371 -6.64 -21.92 -17.14
CA ILE A 371 -6.89 -23.40 -17.24
C ILE A 371 -7.64 -23.77 -15.98
N SER A 372 -8.91 -24.12 -16.14
CA SER A 372 -9.79 -24.52 -15.11
C SER A 372 -9.20 -25.65 -14.23
N GLU A 373 -9.43 -25.54 -12.95
CA GLU A 373 -9.02 -26.57 -11.94
C GLU A 373 -9.72 -27.88 -12.22
N THR A 374 -10.84 -27.89 -12.96
CA THR A 374 -11.53 -29.12 -13.35
C THR A 374 -10.70 -29.93 -14.34
N VAL A 375 -9.67 -29.38 -14.99
CA VAL A 375 -8.75 -30.18 -15.78
C VAL A 375 -8.02 -31.21 -14.88
N ARG A 376 -7.49 -30.79 -13.74
CA ARG A 376 -6.93 -31.66 -12.72
C ARG A 376 -8.06 -32.47 -12.05
N GLY A 377 -9.22 -31.94 -11.78
CA GLY A 377 -10.35 -32.64 -11.12
C GLY A 377 -10.73 -33.92 -11.87
N VAL A 378 -10.63 -33.88 -13.20
CA VAL A 378 -11.15 -34.93 -14.04
C VAL A 378 -10.01 -35.80 -14.46
N GLY A 379 -8.75 -35.59 -13.96
CA GLY A 379 -7.71 -36.56 -14.16
C GLY A 379 -6.30 -36.16 -14.45
N ALA A 380 -6.11 -34.85 -14.88
CA ALA A 380 -4.80 -34.56 -15.44
C ALA A 380 -3.77 -34.56 -14.29
N VAL A 381 -2.55 -34.72 -14.67
CA VAL A 381 -1.36 -34.67 -13.90
C VAL A 381 -0.64 -33.30 -14.09
N MET A 382 0.10 -32.87 -13.05
CA MET A 382 0.88 -31.65 -13.13
C MET A 382 2.33 -31.97 -12.82
N VAL A 383 3.16 -31.51 -13.74
CA VAL A 383 4.58 -31.84 -13.79
C VAL A 383 5.40 -30.54 -13.98
N ASN A 384 6.62 -30.54 -13.45
CA ASN A 384 7.43 -29.30 -13.56
C ASN A 384 8.14 -29.31 -14.90
N LYS A 385 9.00 -28.32 -15.17
CA LYS A 385 9.71 -28.27 -16.46
C LYS A 385 10.54 -29.49 -16.81
N ASP A 386 11.05 -30.24 -15.88
CA ASP A 386 11.73 -31.50 -16.04
C ASP A 386 10.81 -32.69 -16.32
N GLY A 387 9.57 -32.55 -15.90
CA GLY A 387 8.64 -33.66 -16.01
C GLY A 387 8.37 -34.41 -14.71
N ASN A 388 8.59 -33.82 -13.54
CA ASN A 388 8.32 -34.41 -12.26
C ASN A 388 7.10 -33.80 -11.57
N ARG A 389 6.27 -34.59 -10.93
CA ARG A 389 5.14 -34.10 -10.15
C ARG A 389 5.76 -33.43 -8.93
N PHE A 390 5.09 -32.57 -8.19
CA PHE A 390 5.78 -31.84 -7.14
C PHE A 390 4.70 -31.59 -6.11
N ILE A 391 3.48 -32.06 -6.29
CA ILE A 391 2.41 -31.77 -5.35
C ILE A 391 1.16 -32.52 -5.87
N SER A 392 0.26 -32.84 -4.96
CA SER A 392 -1.00 -33.39 -5.44
C SER A 392 -1.76 -32.39 -6.33
N GLU A 393 -2.36 -32.91 -7.39
CA GLU A 393 -3.08 -32.01 -8.33
C GLU A 393 -4.39 -31.60 -7.72
N LEU A 394 -4.87 -32.34 -6.71
CA LEU A 394 -6.05 -31.88 -5.98
C LEU A 394 -5.76 -31.07 -4.72
N THR A 395 -4.59 -30.46 -4.46
CA THR A 395 -4.49 -29.54 -3.36
C THR A 395 -5.41 -28.30 -3.52
N THR A 396 -5.34 -27.41 -2.52
CA THR A 396 -6.09 -26.17 -2.59
C THR A 396 -5.39 -25.26 -3.60
N ARG A 397 -6.05 -24.14 -3.92
CA ARG A 397 -5.52 -23.28 -4.99
C ARG A 397 -4.29 -22.54 -4.49
N ASP A 398 -4.35 -22.08 -3.22
CA ASP A 398 -3.15 -21.32 -2.80
C ASP A 398 -1.95 -22.23 -2.67
N LYS A 399 -2.06 -23.48 -2.19
CA LYS A 399 -0.97 -24.42 -2.27
C LYS A 399 -0.43 -24.69 -3.66
N ALA A 400 -1.31 -24.94 -4.64
CA ALA A 400 -0.90 -25.12 -6.00
C ALA A 400 -0.20 -23.87 -6.50
N SER A 401 -0.63 -22.64 -6.35
CA SER A 401 0.20 -21.51 -6.83
C SER A 401 1.59 -21.43 -6.21
N ASP A 402 1.58 -21.58 -4.86
CA ASP A 402 2.87 -21.48 -4.18
C ASP A 402 3.75 -22.64 -4.60
N ALA A 403 3.28 -23.89 -4.79
CA ALA A 403 4.27 -24.89 -5.25
C ALA A 403 4.70 -24.69 -6.70
N ILE A 404 3.82 -24.26 -7.61
CA ILE A 404 4.28 -23.91 -8.96
C ILE A 404 5.39 -22.83 -8.87
N LEU A 405 5.26 -21.75 -8.13
CA LEU A 405 6.25 -20.68 -8.03
C LEU A 405 7.58 -21.17 -7.50
N LYS A 406 7.62 -22.27 -6.74
CA LYS A 406 8.85 -22.87 -6.26
C LYS A 406 9.51 -23.79 -7.31
N GLN A 407 8.84 -24.08 -8.42
CA GLN A 407 9.50 -24.95 -9.41
C GLN A 407 10.43 -24.12 -10.31
N PRO A 408 11.42 -24.74 -10.92
CA PRO A 408 12.26 -24.15 -11.92
C PRO A 408 11.56 -23.46 -13.06
N GLY A 409 11.83 -22.15 -13.22
CA GLY A 409 11.12 -21.38 -14.23
C GLY A 409 9.80 -20.89 -13.70
N GLN A 410 9.36 -21.26 -12.50
CA GLN A 410 8.06 -20.78 -12.04
C GLN A 410 6.84 -21.08 -12.87
N PHE A 411 6.83 -22.22 -13.55
CA PHE A 411 5.63 -22.66 -14.26
C PHE A 411 5.48 -24.19 -14.14
N ALA A 412 4.37 -24.70 -14.65
CA ALA A 412 4.27 -26.21 -14.62
C ALA A 412 3.61 -26.57 -15.93
N TRP A 413 3.52 -27.85 -16.18
CA TRP A 413 2.74 -28.40 -17.30
C TRP A 413 1.52 -29.18 -16.81
N ILE A 414 0.35 -28.99 -17.41
CA ILE A 414 -0.74 -29.91 -17.08
C ILE A 414 -0.90 -30.93 -18.22
N ILE A 415 -0.90 -32.20 -17.85
CA ILE A 415 -0.61 -33.33 -18.77
C ILE A 415 -1.68 -34.41 -18.73
N PHE A 416 -2.03 -34.98 -19.88
CA PHE A 416 -3.15 -35.93 -19.88
C PHE A 416 -3.07 -36.73 -21.17
N ASP A 417 -3.88 -37.81 -21.29
CA ASP A 417 -3.72 -38.57 -22.57
C ASP A 417 -5.03 -38.47 -23.28
N ASN A 418 -5.35 -39.18 -24.34
CA ASN A 418 -6.58 -39.18 -25.13
C ASN A 418 -7.80 -39.55 -24.39
N GLN A 419 -7.72 -40.25 -23.20
CA GLN A 419 -8.95 -40.52 -22.48
C GLN A 419 -9.52 -39.24 -21.94
N LEU A 420 -8.61 -38.41 -21.31
CA LEU A 420 -9.13 -37.15 -20.79
C LEU A 420 -9.58 -36.31 -22.00
N TYR A 421 -8.79 -36.25 -23.04
CA TYR A 421 -9.10 -35.37 -24.19
C TYR A 421 -10.49 -35.73 -24.69
N LYS A 422 -10.70 -37.06 -24.84
CA LYS A 422 -11.98 -37.50 -25.40
C LYS A 422 -13.11 -37.26 -24.44
N LYS A 423 -12.92 -37.10 -23.14
CA LYS A 423 -14.03 -36.93 -22.21
C LYS A 423 -14.31 -35.49 -21.79
N ALA A 424 -13.45 -34.55 -22.25
CA ALA A 424 -13.63 -33.18 -21.72
C ALA A 424 -13.47 -32.17 -22.89
N LYS A 425 -14.59 -31.75 -23.40
CA LYS A 425 -14.73 -30.76 -24.46
C LYS A 425 -14.06 -29.42 -24.06
N MET A 426 -13.98 -29.09 -22.77
CA MET A 426 -13.11 -27.96 -22.36
C MET A 426 -11.69 -28.08 -22.79
N VAL A 427 -11.02 -29.21 -22.84
CA VAL A 427 -9.61 -29.27 -23.21
C VAL A 427 -9.50 -29.32 -24.72
N ARG A 428 -10.54 -29.85 -25.38
CA ARG A 428 -10.61 -29.77 -26.85
C ARG A 428 -10.69 -28.26 -27.26
N GLY A 429 -11.38 -27.46 -26.51
CA GLY A 429 -11.41 -25.97 -26.72
C GLY A 429 -9.99 -25.43 -26.55
N TYR A 430 -9.19 -25.95 -25.60
CA TYR A 430 -7.85 -25.42 -25.44
C TYR A 430 -7.05 -25.74 -26.71
N ASP A 431 -7.31 -26.97 -27.19
CA ASP A 431 -6.63 -27.48 -28.35
C ASP A 431 -6.99 -26.52 -29.54
N HIS A 432 -8.23 -26.13 -29.74
CA HIS A 432 -8.64 -25.27 -30.84
C HIS A 432 -7.96 -23.89 -30.69
N LEU A 433 -7.68 -23.43 -29.48
CA LEU A 433 -6.88 -22.26 -29.19
C LEU A 433 -5.41 -22.47 -29.35
N GLU A 434 -4.98 -23.61 -29.84
CA GLU A 434 -3.61 -24.00 -29.98
C GLU A 434 -2.84 -23.90 -28.67
N MET A 435 -3.47 -24.21 -27.55
CA MET A 435 -2.70 -24.24 -26.28
C MET A 435 -2.03 -25.56 -25.92
N LEU A 436 -2.45 -26.63 -26.62
CA LEU A 436 -1.89 -27.96 -26.21
C LEU A 436 -0.69 -28.34 -27.02
N TYR A 437 0.41 -28.70 -26.38
CA TYR A 437 1.47 -29.47 -27.02
C TYR A 437 1.03 -30.94 -27.12
N LYS A 438 1.53 -31.69 -28.10
CA LYS A 438 1.05 -33.07 -28.17
C LYS A 438 2.11 -33.99 -28.75
N GLY A 439 2.06 -35.26 -28.40
CA GLY A 439 3.10 -36.20 -28.88
C GLY A 439 2.27 -37.51 -29.11
N ASP A 440 2.68 -38.20 -30.19
CA ASP A 440 2.17 -39.54 -30.36
C ASP A 440 2.61 -40.46 -29.25
N THR A 441 3.81 -40.25 -28.67
CA THR A 441 4.29 -41.06 -27.56
C THR A 441 4.70 -40.06 -26.44
N VAL A 442 4.89 -40.58 -25.25
CA VAL A 442 5.28 -39.79 -24.08
C VAL A 442 6.62 -39.12 -24.29
N GLU A 443 7.61 -39.81 -24.82
CA GLU A 443 8.85 -39.22 -25.29
C GLU A 443 8.77 -38.12 -26.33
N GLN A 444 7.99 -38.28 -27.40
CA GLN A 444 7.72 -37.13 -28.27
C GLN A 444 7.13 -35.95 -27.48
N LEU A 445 6.15 -36.11 -26.61
CA LEU A 445 5.57 -35.02 -25.83
C LEU A 445 6.71 -34.34 -25.07
N ALA A 446 7.60 -35.15 -24.44
CA ALA A 446 8.68 -34.62 -23.62
C ALA A 446 9.63 -33.75 -24.46
N LYS A 447 9.89 -34.20 -25.71
CA LYS A 447 10.80 -33.45 -26.56
C LYS A 447 10.14 -32.18 -27.03
N SER A 448 8.88 -32.21 -27.44
CA SER A 448 8.18 -30.96 -27.73
C SER A 448 8.17 -29.95 -26.60
N THR A 449 7.98 -30.36 -25.36
CA THR A 449 7.88 -29.40 -24.24
C THR A 449 9.16 -29.13 -23.55
N GLY A 450 10.28 -29.67 -24.00
CA GLY A 450 11.52 -29.59 -23.20
C GLY A 450 11.51 -30.28 -21.85
N MET A 451 10.71 -31.32 -21.59
CA MET A 451 10.93 -32.08 -20.34
C MET A 451 12.07 -33.08 -20.55
N LYS A 452 12.64 -33.59 -19.48
CA LYS A 452 13.60 -34.73 -19.58
C LYS A 452 12.82 -35.99 -19.97
N VAL A 453 13.19 -36.67 -21.02
CA VAL A 453 12.62 -37.93 -21.46
C VAL A 453 12.56 -38.96 -20.34
N ALA A 454 13.64 -39.15 -19.60
CA ALA A 454 13.66 -40.14 -18.50
C ALA A 454 12.83 -39.75 -17.29
N ASP A 455 12.85 -38.47 -16.95
CA ASP A 455 11.99 -38.01 -15.84
C ASP A 455 10.50 -38.15 -16.23
N LEU A 456 10.09 -37.71 -17.41
CA LEU A 456 8.67 -37.82 -17.76
C LEU A 456 8.19 -39.27 -17.82
N ALA A 457 8.94 -40.14 -18.51
CA ALA A 457 8.61 -41.56 -18.60
C ALA A 457 8.58 -42.22 -17.22
N LYS A 458 9.46 -41.78 -16.28
CA LYS A 458 9.32 -42.32 -14.94
C LYS A 458 8.05 -41.82 -14.27
N THR A 459 7.73 -40.52 -14.48
CA THR A 459 6.49 -40.01 -13.89
C THR A 459 5.26 -40.78 -14.38
N VAL A 460 5.13 -40.95 -15.67
CA VAL A 460 4.06 -41.74 -16.26
C VAL A 460 3.99 -43.19 -15.78
N SER A 461 5.09 -43.95 -15.69
CA SER A 461 4.89 -45.30 -15.04
C SER A 461 4.64 -45.22 -13.57
N ASP A 462 5.30 -44.31 -12.81
CA ASP A 462 4.87 -44.25 -11.39
C ASP A 462 3.41 -43.91 -11.37
N TYR A 463 3.01 -42.79 -12.10
CA TYR A 463 1.62 -42.39 -11.80
C TYR A 463 0.66 -43.48 -12.32
N ASN A 464 0.89 -44.12 -13.46
CA ASN A 464 0.00 -45.22 -13.88
C ASN A 464 -0.10 -46.34 -12.82
N GLY A 465 1.01 -46.59 -12.10
CA GLY A 465 0.98 -47.56 -10.98
C GLY A 465 0.17 -46.97 -9.84
N TYR A 466 0.19 -45.63 -9.63
CA TYR A 466 -0.67 -45.07 -8.60
C TYR A 466 -2.12 -45.20 -9.07
N VAL A 467 -2.36 -45.23 -10.42
CA VAL A 467 -3.81 -45.36 -10.64
C VAL A 467 -4.17 -46.87 -10.46
N ALA A 468 -3.37 -47.82 -10.82
CA ALA A 468 -3.70 -49.26 -10.64
C ALA A 468 -3.82 -49.62 -9.16
N SER A 469 -3.21 -48.98 -8.16
CA SER A 469 -3.41 -49.27 -6.76
C SER A 469 -4.28 -48.32 -6.00
N GLY A 470 -4.54 -47.12 -6.60
CA GLY A 470 -5.49 -46.16 -6.01
C GLY A 470 -4.72 -45.52 -4.90
N LYS A 471 -3.40 -45.53 -4.86
CA LYS A 471 -2.67 -44.92 -3.75
C LYS A 471 -1.50 -44.13 -4.30
N ASP A 472 -1.38 -42.85 -4.03
CA ASP A 472 -0.28 -42.06 -4.70
C ASP A 472 0.79 -41.86 -3.58
N THR A 473 1.79 -42.70 -3.59
CA THR A 473 2.82 -42.64 -2.55
C THR A 473 3.73 -41.42 -2.67
N ALA A 474 3.94 -40.88 -3.90
CA ALA A 474 4.61 -39.54 -3.94
C ALA A 474 3.86 -38.47 -3.21
N PHE A 475 2.55 -38.21 -3.51
CA PHE A 475 1.92 -37.00 -3.06
C PHE A 475 0.55 -37.14 -2.44
N GLY A 476 -0.04 -38.34 -2.32
CA GLY A 476 -1.29 -38.37 -1.54
C GLY A 476 -2.49 -38.02 -2.39
N ARG A 477 -2.41 -37.84 -3.73
CA ARG A 477 -3.71 -37.48 -4.40
C ARG A 477 -4.74 -38.55 -4.04
N ALA A 478 -5.92 -38.33 -3.53
CA ALA A 478 -6.88 -39.33 -3.15
C ALA A 478 -7.66 -39.98 -4.29
N ASP A 479 -7.75 -39.26 -5.42
CA ASP A 479 -8.63 -39.73 -6.49
C ASP A 479 -7.87 -39.59 -7.79
N MET A 480 -7.56 -40.74 -8.41
CA MET A 480 -6.84 -40.86 -9.65
C MET A 480 -7.62 -41.57 -10.76
N PRO A 481 -8.31 -40.75 -11.62
CA PRO A 481 -9.39 -41.35 -12.40
C PRO A 481 -8.81 -41.80 -13.69
N LEU A 482 -7.60 -41.54 -14.09
CA LEU A 482 -7.26 -41.90 -15.48
C LEU A 482 -5.77 -41.98 -15.36
N ASN A 483 -5.17 -42.85 -16.09
CA ASN A 483 -3.76 -42.98 -16.28
C ASN A 483 -3.44 -42.35 -17.63
N MET A 484 -2.24 -42.53 -18.09
CA MET A 484 -1.70 -41.97 -19.31
C MET A 484 -1.13 -43.17 -20.08
N THR A 485 -1.96 -43.79 -20.88
CA THR A 485 -1.62 -44.94 -21.70
C THR A 485 -2.21 -44.81 -23.08
N GLN A 486 -3.14 -43.86 -23.35
CA GLN A 486 -3.71 -43.85 -24.71
C GLN A 486 -3.35 -42.59 -25.49
N SER A 487 -2.72 -42.81 -26.61
CA SER A 487 -2.15 -41.76 -27.43
C SER A 487 -2.99 -40.96 -28.36
N PRO A 488 -3.04 -39.64 -28.30
CA PRO A 488 -1.88 -38.80 -28.28
C PRO A 488 -1.74 -38.39 -26.79
N TYR A 489 -0.60 -37.90 -26.38
CA TYR A 489 -0.41 -37.33 -25.06
C TYR A 489 -0.29 -35.79 -25.19
N TYR A 490 -0.82 -35.06 -24.20
CA TYR A 490 -1.01 -33.63 -24.33
C TYR A 490 -0.37 -32.87 -23.16
N ALA A 491 -0.01 -31.60 -23.41
CA ALA A 491 0.36 -30.73 -22.29
C ALA A 491 -0.01 -29.25 -22.52
N VAL A 492 -0.33 -28.55 -21.42
CA VAL A 492 -0.55 -27.14 -21.49
C VAL A 492 0.41 -26.43 -20.48
N LYS A 493 1.03 -25.34 -20.93
CA LYS A 493 1.96 -24.67 -20.01
C LYS A 493 1.28 -23.65 -19.12
N VAL A 494 1.38 -23.76 -17.78
CA VAL A 494 0.64 -22.84 -16.89
C VAL A 494 1.46 -22.24 -15.79
N ALA A 495 0.98 -21.20 -15.14
CA ALA A 495 1.58 -20.52 -14.02
C ALA A 495 0.49 -19.72 -13.36
N PRO A 496 0.57 -19.57 -12.02
CA PRO A 496 -0.42 -18.74 -11.37
C PRO A 496 -0.38 -17.34 -12.01
N GLY A 497 -1.57 -16.71 -12.08
CA GLY A 497 -1.65 -15.42 -12.76
C GLY A 497 -2.39 -14.43 -11.83
N ILE A 498 -1.87 -13.19 -11.86
CA ILE A 498 -2.66 -12.09 -11.30
C ILE A 498 -3.94 -12.01 -12.07
N HIS A 499 -5.06 -11.84 -11.43
CA HIS A 499 -6.36 -11.87 -11.99
C HIS A 499 -7.17 -10.69 -11.54
N HIS A 500 -7.11 -10.18 -10.32
CA HIS A 500 -8.11 -9.12 -10.06
C HIS A 500 -7.43 -8.34 -8.93
N THR A 501 -7.46 -7.00 -8.94
CA THR A 501 -6.99 -6.29 -7.75
C THR A 501 -8.13 -5.68 -6.98
N MET A 502 -8.57 -6.31 -5.90
CA MET A 502 -9.64 -5.86 -5.07
C MET A 502 -9.33 -4.47 -4.48
N GLY A 503 -8.09 -4.14 -4.15
CA GLY A 503 -7.88 -2.86 -3.54
C GLY A 503 -7.94 -1.75 -4.61
N GLY A 504 -8.11 -0.52 -4.15
CA GLY A 504 -8.07 0.59 -5.12
C GLY A 504 -8.37 1.89 -4.36
N VAL A 505 -8.94 2.80 -5.05
CA VAL A 505 -9.30 4.19 -4.60
C VAL A 505 -10.40 4.05 -3.60
N ALA A 506 -10.33 4.75 -2.46
CA ALA A 506 -11.46 4.75 -1.56
C ALA A 506 -12.64 5.57 -2.10
N ILE A 507 -13.77 5.02 -1.77
CA ILE A 507 -15.07 5.53 -2.25
C ILE A 507 -16.09 5.59 -1.15
N ASN A 508 -17.06 6.51 -1.24
CA ASN A 508 -18.24 6.41 -0.40
C ASN A 508 -19.35 5.70 -1.16
N THR A 509 -20.54 5.67 -0.55
CA THR A 509 -21.70 5.08 -1.16
C THR A 509 -22.23 5.85 -2.32
N THR A 510 -21.88 7.11 -2.55
CA THR A 510 -22.33 7.76 -3.77
C THR A 510 -21.20 7.77 -4.78
N ALA A 511 -20.13 7.01 -4.53
CA ALA A 511 -19.04 6.78 -5.44
C ALA A 511 -18.22 8.03 -5.65
N SER A 512 -18.19 8.93 -4.67
CA SER A 512 -17.16 9.95 -4.64
C SER A 512 -15.84 9.27 -4.23
N VAL A 513 -14.74 9.66 -4.87
CA VAL A 513 -13.45 9.30 -4.29
C VAL A 513 -13.16 10.16 -3.05
N LEU A 514 -12.60 9.55 -2.00
CA LEU A 514 -12.29 10.23 -0.77
C LEU A 514 -10.82 10.66 -0.69
N ASP A 515 -10.60 11.75 0.07
CA ASP A 515 -9.29 12.31 0.34
C ASP A 515 -8.74 11.68 1.60
N LEU A 516 -7.66 12.13 2.19
CA LEU A 516 -7.02 11.55 3.37
C LEU A 516 -7.78 11.73 4.68
N GLN A 517 -8.83 12.57 4.68
CA GLN A 517 -9.74 12.58 5.82
C GLN A 517 -10.91 11.63 5.56
N SER A 518 -10.86 11.04 4.36
CA SER A 518 -11.94 10.10 4.00
C SER A 518 -13.24 10.87 3.81
N LYS A 519 -13.14 12.07 3.22
CA LYS A 519 -14.13 12.92 2.69
C LYS A 519 -13.97 13.09 1.16
N PRO A 520 -15.12 13.36 0.59
CA PRO A 520 -15.28 13.34 -0.88
C PRO A 520 -14.42 14.41 -1.49
N ILE A 521 -13.67 14.07 -2.53
CA ILE A 521 -12.91 15.08 -3.27
C ILE A 521 -13.93 15.65 -4.29
N ASP A 522 -14.04 16.95 -4.26
CA ASP A 522 -14.95 17.73 -5.08
C ASP A 522 -14.69 17.55 -6.57
N GLY A 523 -15.63 17.00 -7.31
CA GLY A 523 -15.40 16.77 -8.76
C GLY A 523 -14.97 15.34 -9.11
N LEU A 524 -14.63 14.46 -8.20
CA LEU A 524 -13.98 13.17 -8.53
C LEU A 524 -14.81 11.95 -8.12
N PHE A 525 -15.14 11.04 -9.03
CA PHE A 525 -15.96 9.84 -8.74
C PHE A 525 -15.25 8.60 -9.28
N ALA A 526 -15.65 7.39 -8.91
CA ALA A 526 -14.94 6.21 -9.43
C ALA A 526 -15.87 5.00 -9.29
N ALA A 527 -15.67 4.05 -10.17
CA ALA A 527 -16.41 2.79 -10.17
C ALA A 527 -15.66 1.65 -10.79
N GLY A 528 -15.81 0.42 -10.24
CA GLY A 528 -15.33 -0.75 -10.96
C GLY A 528 -14.09 -1.26 -10.24
N GLU A 529 -13.14 -1.91 -10.94
CA GLU A 529 -12.01 -2.49 -10.20
C GLU A 529 -11.03 -1.42 -9.75
N VAL A 530 -11.06 -0.22 -10.37
CA VAL A 530 -10.22 0.89 -9.91
C VAL A 530 -10.37 1.20 -8.41
N THR A 531 -11.49 0.92 -7.82
CA THR A 531 -12.00 1.19 -6.48
C THR A 531 -11.70 0.02 -5.55
N GLY A 532 -11.50 0.29 -4.24
CA GLY A 532 -11.20 -0.78 -3.30
C GLY A 532 -12.36 -0.96 -2.35
N GLY A 533 -12.61 -1.93 -1.49
CA GLY A 533 -13.77 -1.90 -0.63
C GLY A 533 -14.99 -2.73 -0.97
N VAL A 534 -15.41 -2.98 -2.18
CA VAL A 534 -16.59 -3.79 -2.51
C VAL A 534 -16.34 -5.25 -2.14
N HIS A 535 -15.13 -5.77 -2.38
CA HIS A 535 -14.75 -7.15 -2.27
C HIS A 535 -13.87 -7.50 -1.07
N GLY A 536 -13.62 -6.51 -0.21
CA GLY A 536 -12.68 -6.77 0.89
C GLY A 536 -11.46 -7.55 0.44
N TYR A 537 -11.08 -8.60 1.14
CA TYR A 537 -9.82 -9.30 0.78
C TYR A 537 -10.01 -10.33 -0.30
N ASN A 538 -11.20 -10.57 -0.88
CA ASN A 538 -11.22 -11.65 -1.93
C ASN A 538 -12.46 -11.46 -2.75
N ARG A 539 -12.33 -11.29 -4.07
CA ARG A 539 -13.52 -11.10 -4.93
C ARG A 539 -14.18 -12.47 -5.13
N LEU A 540 -15.50 -12.60 -4.95
CA LEU A 540 -16.22 -13.74 -5.52
C LEU A 540 -16.57 -13.67 -7.00
N GLY A 541 -16.51 -14.77 -7.71
CA GLY A 541 -16.94 -14.87 -9.12
C GLY A 541 -18.35 -14.28 -9.32
N GLY A 542 -18.53 -13.30 -10.20
CA GLY A 542 -19.77 -12.68 -10.51
C GLY A 542 -20.04 -11.33 -9.86
N ASN A 543 -19.26 -11.04 -8.81
CA ASN A 543 -19.50 -9.81 -8.06
C ASN A 543 -18.80 -8.59 -8.64
N ALA A 544 -17.67 -8.80 -9.30
CA ALA A 544 -16.98 -7.62 -9.91
C ALA A 544 -17.69 -7.08 -11.15
N ILE A 545 -18.23 -8.00 -11.99
CA ILE A 545 -19.08 -7.54 -13.10
C ILE A 545 -20.26 -6.81 -12.48
N ALA A 546 -20.86 -7.33 -11.40
CA ALA A 546 -22.00 -6.64 -10.84
C ALA A 546 -21.69 -5.28 -10.28
N ASP A 547 -20.54 -5.18 -9.62
CA ASP A 547 -19.93 -3.93 -9.15
C ASP A 547 -19.79 -2.95 -10.31
N THR A 548 -19.29 -3.27 -11.47
CA THR A 548 -19.13 -2.28 -12.57
C THR A 548 -20.48 -1.76 -13.01
N VAL A 549 -21.55 -2.60 -12.92
CA VAL A 549 -22.84 -2.08 -13.32
C VAL A 549 -23.44 -1.20 -12.23
N VAL A 550 -23.53 -1.72 -11.02
CA VAL A 550 -24.20 -1.01 -9.97
C VAL A 550 -23.45 0.31 -9.66
N PHE A 551 -22.14 0.30 -9.47
CA PHE A 551 -21.48 1.51 -9.00
C PHE A 551 -21.12 2.36 -10.22
N GLY A 552 -20.98 1.73 -11.40
CA GLY A 552 -20.76 2.50 -12.63
C GLY A 552 -21.96 3.42 -12.82
N ARG A 553 -23.17 2.93 -12.51
CA ARG A 553 -24.37 3.72 -12.78
C ARG A 553 -24.50 4.77 -11.64
N ILE A 554 -24.15 4.37 -10.41
CA ILE A 554 -24.16 5.35 -9.30
C ILE A 554 -23.13 6.45 -9.55
N ALA A 555 -21.92 6.13 -10.04
CA ALA A 555 -20.89 7.11 -10.26
C ALA A 555 -21.29 8.16 -11.31
N GLY A 556 -21.86 7.65 -12.42
CA GLY A 556 -22.30 8.44 -13.55
C GLY A 556 -23.51 9.32 -13.16
N ASP A 557 -24.44 8.80 -12.40
CA ASP A 557 -25.56 9.59 -11.88
C ASP A 557 -25.12 10.64 -10.88
N ASN A 558 -24.29 10.38 -9.89
CA ASN A 558 -23.77 11.45 -9.02
C ASN A 558 -22.81 12.38 -9.74
N ALA A 559 -22.02 11.89 -10.71
CA ALA A 559 -21.21 12.79 -11.50
C ALA A 559 -22.08 13.84 -12.20
N ALA A 560 -23.22 13.44 -12.75
CA ALA A 560 -24.05 14.32 -13.56
C ALA A 560 -24.78 15.32 -12.67
N LYS A 561 -25.30 14.81 -11.58
CA LYS A 561 -25.99 15.61 -10.58
C LYS A 561 -25.06 16.72 -10.05
N HIS A 562 -23.75 16.41 -9.92
CA HIS A 562 -22.82 17.38 -9.37
C HIS A 562 -22.45 18.40 -10.44
N ALA A 563 -22.45 17.99 -11.72
CA ALA A 563 -22.17 18.90 -12.80
C ALA A 563 -23.31 19.87 -13.11
N LEU A 564 -24.52 19.34 -13.15
CA LEU A 564 -25.72 20.17 -13.25
C LEU A 564 -25.96 20.51 -11.81
N ASP A 565 -27.13 20.89 -11.37
CA ASP A 565 -27.17 20.94 -9.88
C ASP A 565 -28.15 22.01 -9.49
N THR B 2 47.59 11.99 12.96
CA THR B 2 46.15 11.67 12.80
C THR B 2 45.28 11.79 14.05
N PRO B 3 45.86 12.16 15.19
CA PRO B 3 45.23 12.12 16.49
C PRO B 3 43.83 11.56 16.66
N ASP B 4 43.72 10.50 17.46
CA ASP B 4 42.47 9.80 17.73
C ASP B 4 42.09 9.93 19.20
N MET B 5 40.81 9.84 19.55
CA MET B 5 40.48 9.63 20.97
C MET B 5 41.10 8.35 21.50
N GLY B 6 41.17 7.30 20.70
CA GLY B 6 41.85 6.06 21.07
C GLY B 6 43.36 6.25 21.20
N SER B 7 43.93 7.07 20.34
CA SER B 7 45.37 7.36 20.43
C SER B 7 45.65 8.34 21.55
N PHE B 8 44.75 9.27 21.90
CA PHE B 8 45.00 10.14 23.04
C PHE B 8 45.16 9.30 24.29
N HIS B 9 44.24 8.38 24.54
CA HIS B 9 44.31 7.47 25.66
C HIS B 9 45.39 6.40 25.55
N ALA B 10 45.77 6.03 24.32
CA ALA B 10 46.74 4.93 24.18
C ALA B 10 48.09 5.52 24.57
N ASP B 11 48.48 6.63 23.95
CA ASP B 11 49.65 7.38 24.38
C ASP B 11 49.81 7.51 25.88
N MET B 12 48.79 7.79 26.68
CA MET B 12 48.91 7.79 28.13
C MET B 12 48.74 6.41 28.75
N GLY B 13 48.67 5.31 28.01
CA GLY B 13 48.31 4.03 28.60
C GLY B 13 48.58 2.82 27.72
N SER B 14 47.64 2.48 26.86
CA SER B 14 47.65 1.31 25.99
C SER B 14 46.36 1.19 25.16
N CYS B 15 46.17 0.10 24.44
CA CYS B 15 44.88 -0.21 23.81
C CYS B 15 43.95 -0.90 24.81
N GLN B 16 44.52 -1.62 25.76
CA GLN B 16 43.78 -2.46 26.68
C GLN B 16 43.01 -1.70 27.75
N SER B 17 43.41 -0.46 27.98
CA SER B 17 42.69 0.51 28.78
C SER B 17 41.24 0.71 28.36
N CYS B 18 40.86 0.40 27.14
CA CYS B 18 39.51 0.32 26.65
C CYS B 18 39.14 -1.05 26.09
N HIS B 19 40.06 -1.68 25.35
CA HIS B 19 39.81 -2.95 24.68
C HIS B 19 40.18 -4.16 25.50
N ALA B 20 39.60 -5.31 25.15
CA ALA B 20 40.08 -6.60 25.63
C ALA B 20 41.49 -6.91 25.12
N LYS B 21 42.08 -8.01 25.62
CA LYS B 21 43.51 -8.22 25.35
C LYS B 21 43.78 -8.31 23.86
N PRO B 22 43.48 -9.44 23.22
CA PRO B 22 43.21 -9.37 21.78
C PRO B 22 41.99 -8.46 21.63
N ILE B 23 42.15 -7.36 20.90
CA ILE B 23 41.05 -6.45 20.61
C ILE B 23 39.92 -7.16 19.86
N LYS B 24 38.70 -6.94 20.32
CA LYS B 24 37.51 -7.59 19.76
C LYS B 24 36.29 -6.85 20.29
N VAL B 25 35.99 -5.75 19.60
CA VAL B 25 34.86 -4.90 20.04
C VAL B 25 33.53 -5.62 19.75
N THR B 26 32.84 -6.03 20.81
CA THR B 26 31.51 -6.56 20.65
C THR B 26 30.60 -5.46 20.05
N ASP B 27 29.52 -5.91 19.45
CA ASP B 27 28.62 -5.04 18.74
C ASP B 27 28.02 -4.00 19.68
N SER B 28 27.68 -4.37 20.90
CA SER B 28 27.19 -3.39 21.86
C SER B 28 28.22 -2.40 22.40
N GLU B 29 29.49 -2.69 22.16
CA GLU B 29 30.65 -2.01 22.73
C GLU B 29 30.66 -1.93 24.25
N THR B 30 30.13 -2.97 24.87
CA THR B 30 29.95 -3.17 26.29
C THR B 30 31.24 -2.88 27.05
N HIS B 31 32.27 -3.66 26.77
CA HIS B 31 33.54 -3.54 27.44
C HIS B 31 34.09 -2.11 27.38
N GLU B 32 34.13 -1.51 26.20
CA GLU B 32 34.74 -0.22 26.01
C GLU B 32 33.97 0.88 26.78
N ASN B 33 32.64 0.82 26.75
CA ASN B 33 31.86 1.76 27.54
C ASN B 33 32.08 1.58 29.04
N ALA B 34 32.25 0.35 29.52
CA ALA B 34 32.37 0.15 30.97
C ALA B 34 33.68 0.79 31.46
N GLN B 35 34.73 0.67 30.64
CA GLN B 35 35.94 1.43 30.78
C GLN B 35 35.74 2.91 31.01
N CYS B 36 35.10 3.61 30.08
CA CYS B 36 34.84 5.04 30.29
C CYS B 36 34.22 5.23 31.67
N LYS B 37 33.18 4.46 32.00
CA LYS B 37 32.55 4.64 33.31
C LYS B 37 33.58 4.44 34.41
N SER B 38 34.32 3.36 34.45
CA SER B 38 35.45 3.17 35.32
C SER B 38 36.36 4.38 35.56
N CYS B 39 36.84 5.11 34.58
CA CYS B 39 37.76 6.21 34.84
C CYS B 39 37.10 7.58 34.92
N HIS B 40 35.90 7.79 34.37
CA HIS B 40 35.29 9.13 34.42
C HIS B 40 34.05 9.13 35.32
N GLY B 41 33.69 7.97 35.83
CA GLY B 41 32.51 7.82 36.68
C GLY B 41 31.25 7.66 35.81
N GLU B 42 30.12 7.47 36.46
CA GLU B 42 28.82 7.56 35.85
C GLU B 42 28.46 8.96 35.37
N TYR B 43 27.30 9.02 34.72
CA TYR B 43 26.67 10.28 34.35
C TYR B 43 26.48 11.23 35.51
N ALA B 44 25.97 10.76 36.64
CA ALA B 44 25.73 11.64 37.79
C ALA B 44 27.02 12.31 38.22
N GLU B 45 28.08 11.54 38.38
CA GLU B 45 29.45 12.07 38.48
C GLU B 45 29.72 13.15 37.46
N LEU B 46 29.45 12.97 36.18
CA LEU B 46 29.70 13.96 35.14
C LEU B 46 28.66 15.05 34.96
N ALA B 47 27.43 14.86 35.38
CA ALA B 47 26.40 15.89 35.30
C ALA B 47 26.92 17.24 35.77
N ASN B 48 26.62 18.25 35.01
CA ASN B 48 26.94 19.63 35.39
C ASN B 48 25.69 20.31 35.90
N ASP B 49 25.07 21.28 35.30
CA ASP B 49 23.83 21.90 35.78
C ASP B 49 24.01 23.39 35.47
N LYS B 50 25.29 23.77 35.45
CA LYS B 50 25.70 25.03 34.84
C LYS B 50 25.44 24.96 33.34
N LEU B 51 25.70 23.77 32.77
CA LEU B 51 25.44 23.54 31.36
C LEU B 51 23.98 23.73 30.99
N GLN B 52 23.76 24.47 29.91
CA GLN B 52 22.42 24.66 29.37
C GLN B 52 21.69 23.37 29.02
N PHE B 53 22.31 22.54 28.18
CA PHE B 53 21.57 21.33 27.73
C PHE B 53 22.01 20.17 28.58
N ASP B 54 23.31 19.91 28.57
CA ASP B 54 23.89 18.85 29.35
C ASP B 54 23.76 17.48 28.64
N PRO B 55 24.78 17.19 27.85
CA PRO B 55 24.99 15.83 27.34
C PRO B 55 25.01 14.77 28.40
N HIS B 56 25.42 15.01 29.65
CA HIS B 56 25.52 13.91 30.60
C HIS B 56 24.31 13.74 31.47
N ASN B 57 23.28 14.56 31.21
CA ASN B 57 22.08 14.48 32.04
C ASN B 57 20.82 14.78 31.23
N SER B 58 20.31 13.77 30.52
CA SER B 58 19.26 14.01 29.55
C SER B 58 18.09 13.05 29.69
N HIS B 59 17.03 13.42 28.97
CA HIS B 59 15.91 12.47 28.83
C HIS B 59 16.36 11.19 28.14
N LEU B 60 17.42 11.14 27.34
CA LEU B 60 17.89 9.87 26.75
C LEU B 60 18.18 8.79 27.77
N GLY B 61 18.47 9.14 29.04
CA GLY B 61 18.85 8.21 30.07
C GLY B 61 20.25 7.68 29.95
N ASP B 62 20.49 6.51 30.56
CA ASP B 62 21.84 6.00 30.71
C ASP B 62 22.24 5.20 29.47
N ILE B 63 22.80 5.91 28.49
CA ILE B 63 23.15 5.17 27.26
C ILE B 63 24.66 5.02 27.18
N ASN B 64 25.17 4.45 26.09
CA ASN B 64 26.59 4.30 25.89
C ASN B 64 27.22 5.67 25.70
N CYS B 65 28.37 5.91 26.34
CA CYS B 65 29.19 7.08 26.03
C CYS B 65 29.57 7.17 24.57
N THR B 66 29.86 6.02 23.96
CA THR B 66 30.22 5.96 22.53
C THR B 66 29.06 6.19 21.57
N SER B 67 27.82 6.38 22.04
CA SER B 67 26.78 7.00 21.27
C SER B 67 27.27 8.32 20.71
N CYS B 68 28.03 9.13 21.50
CA CYS B 68 28.57 10.36 20.93
C CYS B 68 30.07 10.34 20.74
N HIS B 69 30.77 9.98 21.81
CA HIS B 69 32.23 10.03 21.72
C HIS B 69 32.69 8.81 20.93
N LYS B 70 33.50 9.00 19.91
CA LYS B 70 34.01 7.80 19.20
C LYS B 70 35.42 7.44 19.60
N GLY B 71 35.70 6.16 19.59
CA GLY B 71 37.07 5.67 19.67
C GLY B 71 37.96 6.25 18.60
N HIS B 72 37.55 6.22 17.33
CA HIS B 72 38.46 6.29 16.21
C HIS B 72 37.87 7.08 15.06
N GLU B 73 36.87 7.91 15.34
CA GLU B 73 36.38 8.78 14.28
C GLU B 73 35.67 10.02 14.83
N GLU B 74 35.37 10.93 13.94
CA GLU B 74 34.67 12.15 14.29
C GLU B 74 33.46 11.90 15.20
N PRO B 75 33.38 12.69 16.27
CA PRO B 75 32.40 12.50 17.34
C PRO B 75 31.02 12.83 16.81
N LYS B 76 30.00 12.35 17.48
CA LYS B 76 28.63 12.70 17.13
C LYS B 76 28.01 13.42 18.33
N PHE B 77 27.36 14.54 18.15
CA PHE B 77 26.55 15.08 19.24
C PHE B 77 25.13 14.59 18.94
N TYR B 78 24.76 13.42 19.46
CA TYR B 78 23.53 12.73 19.13
C TYR B 78 22.27 13.58 19.34
N CYS B 79 22.28 14.52 20.28
CA CYS B 79 21.16 15.42 20.50
C CYS B 79 20.69 16.10 19.23
N ASN B 80 21.63 16.46 18.34
CA ASN B 80 21.24 17.24 17.18
C ASN B 80 20.83 16.31 16.05
N GLU B 81 20.68 15.01 16.35
CA GLU B 81 19.80 14.19 15.51
C GLU B 81 18.37 14.71 15.53
N CYS B 82 17.87 15.19 16.68
CA CYS B 82 16.57 15.82 16.68
C CYS B 82 16.58 17.30 17.01
N HIS B 83 17.42 17.73 17.95
CA HIS B 83 17.45 19.13 18.34
C HIS B 83 18.32 19.90 17.34
N SER B 84 18.38 21.21 17.55
CA SER B 84 19.39 22.01 16.90
C SER B 84 20.12 22.89 17.93
N PHE B 85 20.71 22.24 18.91
CA PHE B 85 21.51 22.92 19.94
C PHE B 85 22.80 23.46 19.29
N ASP B 86 22.95 24.78 19.37
CA ASP B 86 24.18 25.45 18.94
C ASP B 86 25.29 25.18 19.96
N ILE B 87 26.25 24.36 19.55
CA ILE B 87 27.23 23.73 20.43
C ILE B 87 28.61 24.02 19.81
N LYS B 88 29.61 24.07 20.68
CA LYS B 88 30.98 24.17 20.18
C LYS B 88 31.51 22.73 20.08
N PRO B 89 32.41 22.54 19.12
CA PRO B 89 33.02 21.25 18.90
C PRO B 89 33.30 20.48 20.16
N MET B 90 32.85 19.22 20.15
CA MET B 90 33.20 18.24 21.15
C MET B 90 34.71 18.04 21.12
N PRO B 91 35.27 17.51 22.20
CA PRO B 91 36.63 17.00 22.15
C PRO B 91 36.84 16.16 20.90
N PHE B 92 38.07 16.01 20.45
CA PHE B 92 38.51 15.14 19.39
C PHE B 92 37.67 15.23 18.13
N SER B 93 37.23 16.44 17.74
CA SER B 93 36.30 16.58 16.62
C SER B 93 37.04 16.82 15.32
N ASP B 94 38.34 16.56 15.40
CA ASP B 94 39.31 16.62 14.32
C ASP B 94 39.66 15.21 13.88
N ALA B 95 39.13 14.21 14.58
CA ALA B 95 39.26 12.84 14.11
C ALA B 95 38.61 12.64 12.74
N LYS B 96 39.02 11.55 12.10
CA LYS B 96 38.60 11.21 10.74
C LYS B 96 37.09 10.97 10.68
N LYS B 97 36.46 11.35 9.58
CA LYS B 97 35.07 11.01 9.34
C LYS B 97 34.85 9.71 8.57
N LYS B 98 33.98 8.85 9.09
CA LYS B 98 33.63 7.58 8.47
C LYS B 98 32.14 7.63 8.12
N LYS B 99 31.69 6.91 7.08
CA LYS B 99 30.25 6.85 6.86
C LYS B 99 29.69 5.95 7.98
N SER B 100 28.40 6.07 8.29
CA SER B 100 27.82 5.15 9.26
C SER B 100 28.14 3.70 8.89
N TRP B 101 28.25 2.83 9.86
CA TRP B 101 28.41 1.40 9.72
C TRP B 101 27.23 0.72 9.04
N ASP B 102 26.06 1.26 9.34
CA ASP B 102 24.81 0.71 8.81
C ASP B 102 24.53 1.32 7.44
N ASP B 103 25.05 0.72 6.41
CA ASP B 103 25.09 1.14 5.03
C ASP B 103 24.03 0.53 4.13
N GLY B 104 23.01 -0.13 4.66
CA GLY B 104 22.01 -0.77 3.82
C GLY B 104 21.95 -2.28 4.01
N TRP B 105 21.60 -3.02 2.96
CA TRP B 105 21.52 -4.48 3.05
C TRP B 105 22.47 -5.07 2.01
N ASP B 106 23.68 -5.47 2.31
CA ASP B 106 24.49 -6.28 1.38
C ASP B 106 23.93 -7.69 1.10
N GLN B 107 23.26 -7.90 -0.04
CA GLN B 107 22.56 -9.16 -0.29
C GLN B 107 23.51 -10.34 -0.47
N ASP B 108 24.73 -10.19 -0.96
CA ASP B 108 25.57 -11.41 -1.00
C ASP B 108 26.04 -11.79 0.40
N LYS B 109 26.34 -10.84 1.30
CA LYS B 109 26.80 -11.21 2.63
C LYS B 109 25.68 -11.84 3.46
N ILE B 110 24.45 -11.38 3.23
CA ILE B 110 23.23 -12.03 3.68
C ILE B 110 23.13 -13.46 3.18
N GLN B 111 23.31 -13.70 1.89
CA GLN B 111 23.23 -15.05 1.33
C GLN B 111 24.26 -15.95 2.03
N LYS B 112 25.48 -15.45 2.15
CA LYS B 112 26.53 -16.15 2.88
C LYS B 112 26.13 -16.55 4.29
N ALA B 113 25.57 -15.61 5.04
CA ALA B 113 25.14 -15.85 6.41
C ALA B 113 24.12 -16.96 6.45
N ILE B 114 23.12 -16.93 5.56
CA ILE B 114 22.12 -17.99 5.49
C ILE B 114 22.75 -19.36 5.18
N ALA B 115 23.65 -19.42 4.22
CA ALA B 115 24.18 -20.72 3.75
C ALA B 115 25.12 -21.34 4.76
N ALA B 116 25.91 -20.50 5.47
CA ALA B 116 26.61 -20.95 6.67
C ALA B 116 25.72 -21.54 7.76
N GLY B 117 24.47 -21.12 7.88
CA GLY B 117 23.60 -21.66 8.91
C GLY B 117 23.69 -20.79 10.17
N PRO B 118 22.79 -21.04 11.10
CA PRO B 118 22.80 -20.36 12.37
C PRO B 118 24.16 -20.41 13.06
N SER B 119 24.70 -19.22 13.35
CA SER B 119 25.97 -19.16 14.09
C SER B 119 25.70 -19.17 15.58
N GLU B 120 24.47 -18.93 16.01
CA GLU B 120 24.05 -19.15 17.39
C GLU B 120 22.56 -19.40 17.45
N THR B 121 22.00 -19.82 18.58
CA THR B 121 20.60 -20.28 18.61
C THR B 121 19.84 -19.78 19.81
N THR B 122 18.69 -19.12 19.72
CA THR B 122 17.84 -18.79 20.84
C THR B 122 16.51 -19.54 20.73
N GLN B 123 15.58 -19.25 21.64
CA GLN B 123 14.20 -19.59 21.49
C GLN B 123 13.41 -18.43 20.86
N VAL B 124 13.45 -17.26 21.49
CA VAL B 124 12.77 -16.06 21.09
C VAL B 124 13.76 -14.93 20.79
N LEU B 125 13.79 -14.47 19.54
CA LEU B 125 14.53 -13.27 19.12
C LEU B 125 13.56 -12.10 19.00
N VAL B 126 13.73 -11.02 19.73
CA VAL B 126 12.87 -9.84 19.66
C VAL B 126 13.63 -8.80 18.87
N VAL B 127 13.11 -8.26 17.78
CA VAL B 127 13.77 -7.34 16.90
C VAL B 127 13.28 -5.94 17.26
N GLY B 128 14.10 -5.20 18.04
CA GLY B 128 13.77 -3.78 18.28
C GLY B 128 13.55 -3.60 19.77
N ALA B 129 14.25 -2.70 20.44
CA ALA B 129 14.12 -2.49 21.88
C ALA B 129 13.52 -1.13 22.22
N GLY B 130 12.34 -0.91 21.65
CA GLY B 130 11.43 0.13 22.12
C GLY B 130 10.54 -0.48 23.20
N SER B 131 9.43 0.18 23.48
CA SER B 131 8.57 -0.34 24.56
C SER B 131 8.00 -1.67 24.12
N ALA B 132 7.52 -1.83 22.85
CA ALA B 132 7.01 -3.14 22.46
C ALA B 132 8.06 -4.22 22.60
N GLY B 133 9.29 -3.98 22.19
CA GLY B 133 10.34 -5.01 22.18
C GLY B 133 10.79 -5.39 23.61
N PHE B 134 10.90 -4.41 24.48
CA PHE B 134 11.15 -4.63 25.89
C PHE B 134 9.98 -5.35 26.52
N ASN B 135 8.74 -4.84 26.31
CA ASN B 135 7.64 -5.68 26.82
C ASN B 135 7.68 -7.11 26.32
N ALA B 136 7.90 -7.38 25.04
CA ALA B 136 7.98 -8.72 24.49
C ALA B 136 9.10 -9.56 25.12
N SER B 137 10.31 -9.00 25.22
CA SER B 137 11.41 -9.78 25.79
C SER B 137 11.12 -10.15 27.25
N LEU B 138 10.47 -9.24 28.00
CA LEU B 138 10.22 -9.49 29.41
C LEU B 138 9.13 -10.51 29.57
N ALA B 139 8.03 -10.38 28.80
CA ALA B 139 6.98 -11.41 28.86
C ALA B 139 7.53 -12.78 28.49
N ALA B 140 8.39 -12.85 27.48
CA ALA B 140 8.93 -14.13 27.08
C ALA B 140 9.76 -14.83 28.18
N LYS B 141 10.66 -14.07 28.76
CA LYS B 141 11.56 -14.39 29.83
C LYS B 141 10.81 -15.08 30.97
N LYS B 142 9.73 -14.43 31.37
CA LYS B 142 8.84 -14.88 32.42
C LYS B 142 8.16 -16.21 32.16
N ALA B 143 8.00 -16.56 30.88
CA ALA B 143 7.39 -17.82 30.52
C ALA B 143 8.44 -18.90 30.34
N GLY B 144 9.72 -18.61 30.49
CA GLY B 144 10.71 -19.68 30.50
C GLY B 144 11.67 -19.72 29.35
N ALA B 145 11.49 -18.79 28.37
CA ALA B 145 12.15 -19.03 27.09
C ALA B 145 13.48 -18.31 27.16
N ASN B 146 14.53 -18.81 26.53
CA ASN B 146 15.69 -17.97 26.26
C ASN B 146 15.34 -16.87 25.24
N VAL B 147 15.92 -15.68 25.41
CA VAL B 147 15.60 -14.50 24.63
C VAL B 147 16.86 -13.81 24.14
N ILE B 148 16.89 -13.32 22.91
CA ILE B 148 17.86 -12.36 22.41
C ILE B 148 17.09 -11.10 21.99
N LEU B 149 17.56 -9.94 22.43
CA LEU B 149 16.91 -8.66 22.20
C LEU B 149 17.90 -7.89 21.34
N VAL B 150 17.54 -7.39 20.18
CA VAL B 150 18.50 -6.73 19.30
C VAL B 150 17.94 -5.35 18.93
N ASP B 151 18.78 -4.36 18.69
CA ASP B 151 18.28 -3.07 18.23
C ASP B 151 19.36 -2.55 17.32
N LYS B 152 19.04 -1.86 16.23
CA LYS B 152 20.12 -1.42 15.35
C LYS B 152 20.72 -0.07 15.79
N ALA B 153 20.03 0.63 16.68
CA ALA B 153 20.46 1.95 17.11
C ALA B 153 21.63 1.90 18.11
N PRO B 154 22.27 3.04 18.37
CA PRO B 154 23.33 3.18 19.37
C PRO B 154 22.87 2.98 20.79
N PHE B 155 21.62 3.28 21.11
CA PHE B 155 21.02 2.98 22.40
C PHE B 155 19.59 2.50 22.13
N SER B 156 18.91 1.96 23.06
CA SER B 156 17.53 1.67 23.18
C SER B 156 16.45 2.76 23.19
N GLY B 157 15.20 2.33 22.84
CA GLY B 157 14.08 3.22 23.10
C GLY B 157 13.29 3.82 21.95
N GLY B 158 13.87 3.87 20.76
CA GLY B 158 13.12 4.20 19.56
C GLY B 158 12.36 5.53 19.76
N ASN B 159 11.19 5.51 19.18
CA ASN B 159 10.19 6.57 19.32
C ASN B 159 9.55 6.56 20.72
N SER B 160 9.47 5.43 21.35
CA SER B 160 8.84 5.28 22.66
C SER B 160 9.45 6.24 23.70
N MET B 161 10.77 6.32 23.65
CA MET B 161 11.51 7.11 24.62
C MET B 161 11.26 8.60 24.44
N ILE B 162 10.69 9.14 23.37
CA ILE B 162 10.50 10.57 23.30
C ILE B 162 9.03 10.99 23.31
N SER B 163 8.23 10.02 23.73
CA SER B 163 6.81 10.21 23.93
C SER B 163 6.44 10.91 25.26
N ALA B 164 5.29 11.54 25.19
CA ALA B 164 4.78 12.66 25.95
C ALA B 164 3.54 12.37 26.74
N GLY B 165 2.42 11.98 26.09
CA GLY B 165 1.09 11.94 26.67
C GLY B 165 0.65 10.56 27.14
N GLY B 166 1.60 9.95 27.83
CA GLY B 166 1.39 8.79 28.65
C GLY B 166 0.70 7.63 27.97
N MET B 167 -0.01 6.87 28.79
CA MET B 167 -0.58 5.61 28.41
C MET B 167 -2.07 5.59 28.77
N ASN B 168 -2.93 5.14 27.85
CA ASN B 168 -4.33 5.03 28.13
C ASN B 168 -4.67 3.71 28.83
N ALA B 169 -5.54 3.85 29.84
CA ALA B 169 -6.04 2.62 30.48
C ALA B 169 -7.43 2.83 31.05
N VAL B 170 -8.16 1.75 31.26
CA VAL B 170 -9.46 1.69 31.86
C VAL B 170 -9.48 0.73 33.05
N GLY B 171 -9.83 1.26 34.22
CA GLY B 171 -10.17 0.35 35.33
C GLY B 171 -8.95 0.25 36.23
N THR B 172 -8.34 1.41 36.42
CA THR B 172 -7.15 1.55 37.25
C THR B 172 -7.47 2.14 38.64
N LYS B 173 -6.54 1.95 39.57
CA LYS B 173 -6.41 2.82 40.74
C LYS B 173 -6.39 4.31 40.47
N GLN B 174 -5.58 4.83 39.55
CA GLN B 174 -5.45 6.30 39.47
C GLN B 174 -6.83 6.92 39.26
N GLN B 175 -7.57 6.39 38.28
CA GLN B 175 -8.91 6.82 37.97
C GLN B 175 -9.83 6.83 39.18
N THR B 176 -9.83 5.74 39.97
CA THR B 176 -10.70 5.71 41.15
C THR B 176 -10.38 6.89 42.07
N ALA B 177 -9.11 7.07 42.39
CA ALA B 177 -8.64 8.20 43.17
C ALA B 177 -9.17 9.53 42.66
N HIS B 178 -9.26 9.75 41.35
CA HIS B 178 -9.67 11.04 40.82
C HIS B 178 -11.17 11.09 40.64
N GLY B 179 -11.89 10.03 41.00
CA GLY B 179 -13.34 10.02 40.93
C GLY B 179 -13.91 9.44 39.66
N VAL B 180 -13.09 9.24 38.64
CA VAL B 180 -13.55 9.09 37.27
C VAL B 180 -14.26 7.77 37.02
N GLU B 181 -15.43 7.80 36.41
CA GLU B 181 -16.12 6.59 36.01
C GLU B 181 -15.79 6.29 34.54
N ASP B 182 -15.56 5.01 34.27
CA ASP B 182 -15.07 4.55 32.99
C ASP B 182 -15.42 3.07 32.85
N LYS B 183 -15.72 2.65 31.63
CA LYS B 183 -16.07 1.29 31.29
C LYS B 183 -15.20 0.84 30.11
N VAL B 184 -14.87 -0.44 30.03
CA VAL B 184 -14.17 -1.02 28.90
C VAL B 184 -14.78 -0.64 27.56
N GLU B 185 -16.10 -0.72 27.41
CA GLU B 185 -16.83 -0.42 26.20
C GLU B 185 -16.61 1.00 25.69
N TRP B 186 -16.51 1.96 26.61
CA TRP B 186 -16.31 3.36 26.26
C TRP B 186 -14.90 3.60 25.73
N PHE B 187 -13.98 2.75 26.16
CA PHE B 187 -12.61 2.82 25.67
C PHE B 187 -12.60 2.30 24.22
N ILE B 188 -13.25 1.20 24.00
CA ILE B 188 -13.38 0.65 22.64
C ILE B 188 -14.07 1.65 21.73
N GLU B 189 -15.26 2.09 22.18
CA GLU B 189 -16.01 3.03 21.37
C GLU B 189 -15.15 4.24 21.08
N ASP B 190 -14.48 4.79 22.09
CA ASP B 190 -13.61 5.95 21.86
C ASP B 190 -12.52 5.66 20.83
N ALA B 191 -11.93 4.48 20.79
CA ALA B 191 -10.84 4.23 19.85
C ALA B 191 -11.43 3.92 18.46
N MET B 192 -12.59 3.24 18.41
CA MET B 192 -13.16 2.89 17.12
C MET B 192 -13.58 4.17 16.40
N LYS B 193 -14.15 5.07 17.22
CA LYS B 193 -14.57 6.35 16.71
C LYS B 193 -13.38 7.12 16.17
N GLY B 194 -12.34 7.33 16.97
CA GLY B 194 -11.19 8.13 16.53
C GLY B 194 -10.49 7.54 15.29
N GLY B 195 -10.59 6.23 15.09
CA GLY B 195 -9.97 5.53 13.96
C GLY B 195 -10.88 5.44 12.74
N ARG B 196 -11.98 6.22 12.75
CA ARG B 196 -13.02 6.20 11.76
C ARG B 196 -13.63 4.84 11.53
N GLN B 197 -13.79 4.01 12.54
CA GLN B 197 -14.38 2.73 12.51
C GLN B 197 -13.57 1.73 11.68
N GLN B 198 -12.28 1.97 11.45
CA GLN B 198 -11.57 1.06 10.52
C GLN B 198 -10.74 0.08 11.31
N ASN B 199 -10.70 0.29 12.62
CA ASN B 199 -9.80 -0.44 13.51
C ASN B 199 -10.35 -1.84 13.66
N ASP B 200 -9.50 -2.82 13.85
CA ASP B 200 -9.90 -4.18 14.19
C ASP B 200 -10.47 -4.23 15.61
N ILE B 201 -11.81 -4.30 15.69
CA ILE B 201 -12.53 -4.43 16.93
C ILE B 201 -11.98 -5.53 17.83
N LYS B 202 -11.56 -6.69 17.31
CA LYS B 202 -10.88 -7.67 18.13
C LYS B 202 -9.63 -7.12 18.82
N LEU B 203 -8.86 -6.28 18.11
CA LEU B 203 -7.56 -5.85 18.67
C LEU B 203 -7.85 -4.75 19.68
N VAL B 204 -8.77 -3.86 19.36
CA VAL B 204 -9.15 -2.75 20.20
C VAL B 204 -9.74 -3.28 21.51
N THR B 205 -10.42 -4.41 21.46
CA THR B 205 -11.07 -5.00 22.63
C THR B 205 -10.00 -5.45 23.62
N ILE B 206 -9.04 -6.20 23.11
CA ILE B 206 -7.88 -6.63 23.88
C ILE B 206 -7.10 -5.45 24.44
N LEU B 207 -6.85 -4.41 23.65
CA LEU B 207 -6.13 -3.25 24.15
C LEU B 207 -6.89 -2.73 25.38
N ALA B 208 -8.18 -2.49 25.20
CA ALA B 208 -9.01 -1.86 26.19
C ALA B 208 -8.96 -2.73 27.47
N GLU B 209 -9.36 -3.96 27.31
CA GLU B 209 -9.31 -4.92 28.40
C GLU B 209 -8.00 -4.77 29.14
N GLN B 210 -6.90 -5.18 28.50
CA GLN B 210 -5.63 -5.41 29.15
C GLN B 210 -4.91 -4.15 29.59
N SER B 211 -5.45 -2.96 29.38
CA SER B 211 -4.69 -1.75 29.60
C SER B 211 -4.44 -1.46 31.08
N ALA B 212 -5.44 -1.68 31.93
CA ALA B 212 -5.32 -1.59 33.37
C ALA B 212 -4.17 -2.47 33.88
N ASP B 213 -4.23 -3.76 33.56
CA ASP B 213 -3.16 -4.68 33.89
C ASP B 213 -1.82 -4.27 33.31
N GLY B 214 -1.84 -3.56 32.16
CA GLY B 214 -0.64 -3.02 31.56
C GLY B 214 0.07 -2.00 32.43
N VAL B 215 -0.70 -1.03 32.92
CA VAL B 215 -0.20 -0.02 33.84
C VAL B 215 0.38 -0.62 35.14
N GLN B 216 -0.41 -1.43 35.81
CA GLN B 216 -0.01 -2.29 36.90
C GLN B 216 1.25 -3.07 36.60
N TRP B 217 1.36 -3.70 35.43
CA TRP B 217 2.63 -4.32 35.04
C TRP B 217 3.82 -3.37 35.05
N LEU B 218 3.64 -2.18 34.49
CA LEU B 218 4.77 -1.26 34.38
C LEU B 218 5.12 -0.86 35.83
N GLU B 219 4.09 -0.48 36.60
CA GLU B 219 4.15 -0.28 38.04
C GLU B 219 4.90 -1.35 38.78
N SER B 220 4.55 -2.63 38.59
CA SER B 220 5.37 -3.73 39.08
C SER B 220 6.85 -3.54 38.79
N LEU B 221 7.29 -3.18 37.59
CA LEU B 221 8.72 -2.92 37.36
C LEU B 221 9.25 -1.61 37.93
N GLY B 222 8.40 -0.74 38.48
CA GLY B 222 8.86 0.41 39.24
C GLY B 222 8.68 1.76 38.57
N ALA B 223 7.69 1.86 37.68
CA ALA B 223 7.39 3.11 37.00
C ALA B 223 6.30 3.84 37.79
N ASN B 224 6.31 5.14 37.83
CA ASN B 224 5.15 5.84 38.36
C ASN B 224 4.31 6.32 37.17
N LEU B 225 3.03 6.01 37.20
CA LEU B 225 2.07 6.51 36.21
C LEU B 225 0.85 7.07 36.93
N ASP B 226 1.17 8.01 37.84
CA ASP B 226 0.25 8.55 38.82
C ASP B 226 -0.52 9.75 38.31
N ASP B 227 0.04 10.59 37.44
CA ASP B 227 -0.72 11.65 36.80
C ASP B 227 -1.82 11.07 35.91
N LEU B 228 -3.08 11.39 36.19
CA LEU B 228 -4.22 10.93 35.43
C LEU B 228 -4.87 12.10 34.68
N LYS B 229 -5.06 11.97 33.37
CA LYS B 229 -5.53 13.12 32.60
C LYS B 229 -6.37 12.76 31.38
N ARG B 230 -6.75 13.80 30.63
CA ARG B 230 -7.64 13.68 29.50
C ARG B 230 -6.85 13.95 28.23
N SER B 231 -7.11 13.10 27.22
CA SER B 231 -6.60 13.42 25.89
C SER B 231 -7.65 13.46 24.79
N GLY B 232 -7.39 14.25 23.76
CA GLY B 232 -8.15 14.30 22.53
C GLY B 232 -8.82 12.99 22.16
N GLY B 233 -10.13 13.01 21.93
CA GLY B 233 -10.89 11.84 21.56
C GLY B 233 -11.39 10.96 22.69
N ALA B 234 -11.07 11.26 23.95
CA ALA B 234 -11.51 10.41 25.05
C ALA B 234 -12.65 11.10 25.80
N ARG B 235 -13.63 10.35 26.27
CA ARG B 235 -14.83 11.00 26.80
C ARG B 235 -14.62 11.26 28.30
N VAL B 236 -13.57 10.68 28.84
CA VAL B 236 -13.27 10.53 30.25
C VAL B 236 -11.76 10.45 30.48
N ASP B 237 -11.26 10.90 31.62
CA ASP B 237 -9.83 10.88 31.94
C ASP B 237 -9.23 9.49 32.04
N ARG B 238 -8.24 9.18 31.21
CA ARG B 238 -7.63 7.84 31.28
C ARG B 238 -6.20 7.73 30.79
N THR B 239 -5.53 8.84 30.45
CA THR B 239 -4.10 8.78 30.17
C THR B 239 -3.26 9.10 31.41
N HIS B 240 -2.50 8.10 31.83
CA HIS B 240 -1.54 8.08 32.88
C HIS B 240 -0.18 8.62 32.48
N ARG B 241 0.51 9.26 33.43
CA ARG B 241 1.76 9.97 33.25
C ARG B 241 2.53 10.00 34.57
N PRO B 242 3.85 10.13 34.54
CA PRO B 242 4.64 10.30 35.75
C PRO B 242 4.16 11.42 36.66
N HIS B 243 3.98 11.13 37.95
CA HIS B 243 3.54 12.10 38.93
C HIS B 243 4.15 13.50 38.82
N GLY B 244 5.44 13.69 38.74
CA GLY B 244 5.97 15.06 38.76
C GLY B 244 7.36 15.13 38.15
N GLY B 245 7.87 13.95 37.78
CA GLY B 245 9.15 13.91 37.07
C GLY B 245 8.94 13.80 35.54
N LYS B 246 9.35 12.62 35.07
CA LYS B 246 9.61 12.50 33.64
C LYS B 246 8.34 12.67 32.79
N SER B 247 8.56 13.18 31.55
CA SER B 247 7.70 12.66 30.48
C SER B 247 7.50 11.16 30.65
N SER B 248 6.34 10.67 30.23
CA SER B 248 6.08 9.24 30.15
C SER B 248 7.08 8.45 29.31
N GLY B 249 7.57 8.99 28.19
CA GLY B 249 8.35 8.15 27.27
C GLY B 249 9.62 7.65 27.96
N PRO B 250 10.37 8.63 28.50
CA PRO B 250 11.52 8.39 29.35
C PRO B 250 11.28 7.59 30.61
N GLU B 251 10.24 7.86 31.40
CA GLU B 251 9.86 6.99 32.50
C GLU B 251 9.71 5.53 32.10
N ILE B 252 8.90 5.29 31.05
CA ILE B 252 8.63 3.91 30.65
C ILE B 252 9.89 3.24 30.09
N ILE B 253 10.64 3.97 29.27
CA ILE B 253 11.87 3.34 28.72
C ILE B 253 12.90 3.16 29.84
N ASP B 254 13.22 4.18 30.66
CA ASP B 254 14.08 3.92 31.83
C ASP B 254 13.68 2.68 32.61
N THR B 255 12.43 2.53 33.03
CA THR B 255 12.03 1.32 33.74
C THR B 255 12.19 0.03 32.96
N LEU B 256 11.91 -0.01 31.62
CA LEU B 256 12.03 -1.32 30.95
C LEU B 256 13.50 -1.63 30.78
N ARG B 257 14.34 -0.63 30.54
CA ARG B 257 15.77 -0.97 30.39
C ARG B 257 16.28 -1.60 31.68
N LYS B 258 16.05 -0.87 32.80
CA LYS B 258 16.48 -1.42 34.09
C LYS B 258 15.89 -2.80 34.36
N ALA B 259 14.57 -2.97 34.10
CA ALA B 259 14.01 -4.31 34.22
C ALA B 259 14.78 -5.32 33.38
N ALA B 260 15.14 -5.01 32.14
CA ALA B 260 15.69 -6.01 31.22
C ALA B 260 17.07 -6.45 31.71
N LYS B 261 17.81 -5.43 32.16
CA LYS B 261 19.14 -5.61 32.73
C LYS B 261 19.01 -6.51 33.95
N GLU B 262 18.02 -6.23 34.79
CA GLU B 262 17.73 -6.99 35.98
C GLU B 262 17.39 -8.45 35.73
N GLN B 263 16.72 -8.81 34.62
CA GLN B 263 16.46 -10.23 34.37
C GLN B 263 17.51 -10.85 33.48
N GLY B 264 18.63 -10.21 33.21
CA GLY B 264 19.68 -10.81 32.41
C GLY B 264 19.33 -10.97 30.92
N ILE B 265 18.36 -10.19 30.45
CA ILE B 265 18.07 -10.11 29.02
C ILE B 265 19.17 -9.22 28.46
N ASP B 266 20.13 -9.72 27.70
CA ASP B 266 21.04 -8.75 27.07
C ASP B 266 20.57 -8.28 25.69
N THR B 267 20.21 -6.98 25.72
CA THR B 267 20.07 -6.28 24.45
C THR B 267 21.40 -6.31 23.74
N ARG B 268 21.37 -6.47 22.42
CA ARG B 268 22.53 -6.22 21.59
C ARG B 268 22.24 -4.99 20.72
N LEU B 269 23.10 -4.03 20.92
CA LEU B 269 22.95 -2.73 20.31
C LEU B 269 23.72 -2.80 19.00
N ASN B 270 23.57 -1.76 18.18
CA ASN B 270 24.25 -1.68 16.91
C ASN B 270 24.11 -3.00 16.12
N SER B 271 22.90 -3.55 16.06
CA SER B 271 22.65 -4.83 15.42
C SER B 271 21.35 -4.78 14.62
N ARG B 272 21.47 -4.80 13.30
CA ARG B 272 20.29 -4.64 12.45
C ARG B 272 19.86 -5.95 11.81
N VAL B 273 18.68 -6.42 12.20
CA VAL B 273 18.09 -7.56 11.47
C VAL B 273 17.79 -7.10 10.06
N VAL B 274 18.34 -7.64 9.02
CA VAL B 274 18.21 -7.28 7.63
C VAL B 274 17.52 -8.41 6.82
N LYS B 275 17.26 -9.60 7.35
CA LYS B 275 16.45 -10.59 6.62
C LYS B 275 15.74 -11.55 7.55
N LEU B 276 14.48 -11.92 7.39
CA LEU B 276 13.87 -13.05 8.11
C LEU B 276 14.12 -14.38 7.38
N VAL B 277 14.36 -15.48 8.05
CA VAL B 277 14.93 -16.65 7.37
C VAL B 277 13.80 -17.68 7.33
N VAL B 278 13.43 -18.10 6.12
CA VAL B 278 12.25 -18.97 6.01
C VAL B 278 12.76 -20.31 5.50
N ASN B 279 12.24 -21.40 6.02
CA ASN B 279 12.70 -22.71 5.53
C ASN B 279 11.77 -23.12 4.37
N ASP B 280 11.77 -24.39 3.97
CA ASP B 280 10.98 -24.81 2.83
C ASP B 280 9.52 -25.13 3.08
N ASP B 281 8.98 -24.83 4.24
CA ASP B 281 7.59 -24.95 4.56
C ASP B 281 7.03 -23.66 5.11
N HIS B 282 7.53 -22.49 4.71
CA HIS B 282 6.97 -21.23 5.19
C HIS B 282 7.11 -21.00 6.70
N SER B 283 8.22 -21.46 7.33
CA SER B 283 8.34 -21.15 8.74
C SER B 283 9.43 -20.12 8.95
N VAL B 284 9.18 -19.03 9.67
CA VAL B 284 10.41 -18.25 10.00
C VAL B 284 11.25 -19.10 10.93
N VAL B 285 12.50 -19.32 10.66
CA VAL B 285 13.40 -20.10 11.48
C VAL B 285 14.58 -19.28 12.02
N GLY B 286 14.59 -17.98 11.82
CA GLY B 286 15.72 -17.21 12.25
C GLY B 286 15.76 -15.87 11.52
N ALA B 287 16.87 -15.19 11.71
CA ALA B 287 17.02 -13.87 11.09
C ALA B 287 18.49 -13.65 10.83
N VAL B 288 18.84 -12.86 9.83
CA VAL B 288 20.19 -12.42 9.59
C VAL B 288 20.33 -11.07 10.32
N VAL B 289 21.38 -10.94 11.15
CA VAL B 289 21.72 -9.69 11.78
C VAL B 289 22.90 -9.00 11.10
N HIS B 290 22.87 -7.71 10.75
CA HIS B 290 24.10 -6.98 10.48
C HIS B 290 24.63 -6.31 11.76
N GLY B 291 25.64 -6.92 12.34
CA GLY B 291 26.34 -6.45 13.55
C GLY B 291 27.39 -5.40 13.16
N LYS B 292 27.42 -4.29 13.89
CA LYS B 292 28.35 -3.20 13.59
C LYS B 292 29.81 -3.68 13.55
N HIS B 293 30.15 -4.56 14.51
CA HIS B 293 31.53 -4.98 14.58
C HIS B 293 31.72 -6.41 14.08
N THR B 294 30.76 -7.28 14.42
CA THR B 294 30.85 -8.68 14.04
C THR B 294 30.49 -8.93 12.58
N GLY B 295 29.79 -8.03 11.93
CA GLY B 295 29.26 -8.19 10.60
C GLY B 295 28.04 -9.12 10.57
N TYR B 296 27.92 -9.86 9.47
CA TYR B 296 26.70 -10.55 9.10
C TYR B 296 26.63 -11.98 9.64
N TYR B 297 25.64 -12.28 10.45
CA TYR B 297 25.51 -13.63 10.96
C TYR B 297 24.03 -13.96 11.05
N MET B 298 23.70 -15.23 11.13
CA MET B 298 22.35 -15.69 11.33
C MET B 298 22.12 -16.19 12.74
N ILE B 299 21.05 -15.74 13.35
CA ILE B 299 20.51 -16.28 14.60
C ILE B 299 19.32 -17.17 14.30
N GLY B 300 19.44 -18.48 14.55
CA GLY B 300 18.35 -19.41 14.50
C GLY B 300 17.47 -19.15 15.72
N ALA B 301 16.16 -19.25 15.54
CA ALA B 301 15.22 -19.01 16.62
C ALA B 301 13.97 -19.79 16.29
N LYS B 302 13.25 -20.22 17.31
CA LYS B 302 12.02 -20.94 17.06
C LYS B 302 10.92 -19.91 16.87
N SER B 303 11.09 -18.77 17.49
CA SER B 303 10.17 -17.65 17.40
C SER B 303 10.91 -16.31 17.21
N VAL B 304 10.37 -15.49 16.28
CA VAL B 304 10.86 -14.18 15.99
C VAL B 304 9.72 -13.18 16.17
N VAL B 305 9.92 -12.15 16.95
CA VAL B 305 8.95 -11.14 17.31
C VAL B 305 9.41 -9.85 16.63
N LEU B 306 8.58 -9.26 15.77
CA LEU B 306 8.98 -7.98 15.16
C LEU B 306 8.53 -6.84 16.06
N ALA B 307 9.47 -5.98 16.49
CA ALA B 307 9.06 -4.92 17.41
C ALA B 307 9.74 -3.63 17.04
N THR B 308 9.79 -3.34 15.77
CA THR B 308 10.72 -2.43 15.12
C THR B 308 10.14 -1.06 14.92
N GLY B 309 8.87 -0.81 15.27
CA GLY B 309 8.36 0.59 15.20
C GLY B 309 7.87 0.90 13.79
N GLY B 310 7.53 2.15 13.54
CA GLY B 310 6.90 2.53 12.31
C GLY B 310 7.78 2.92 11.17
N TYR B 311 7.16 3.55 10.18
CA TYR B 311 8.02 3.82 8.99
C TYR B 311 8.03 5.26 8.66
N GLY B 312 7.74 6.09 9.68
CA GLY B 312 7.69 7.55 9.36
C GLY B 312 8.94 8.10 8.77
N MET B 313 10.15 7.57 8.97
CA MET B 313 11.35 8.17 8.39
C MET B 313 11.83 7.49 7.11
N ASN B 314 11.13 6.48 6.61
CA ASN B 314 11.48 5.87 5.31
C ASN B 314 10.81 6.74 4.25
N LYS B 315 11.65 7.45 3.54
CA LYS B 315 11.23 8.39 2.52
C LYS B 315 10.61 7.68 1.31
N GLU B 316 11.11 6.51 0.95
CA GLU B 316 10.60 5.77 -0.20
C GLU B 316 9.23 5.17 0.16
N MET B 317 9.07 4.65 1.36
CA MET B 317 7.77 4.15 1.79
C MET B 317 6.72 5.24 1.78
N ILE B 318 7.08 6.34 2.49
CA ILE B 318 6.12 7.44 2.57
C ILE B 318 5.82 7.98 1.18
N ALA B 319 6.77 8.12 0.27
CA ALA B 319 6.45 8.65 -1.05
C ALA B 319 5.50 7.70 -1.83
N TYR B 320 5.61 6.39 -1.56
CA TYR B 320 4.88 5.40 -2.34
C TYR B 320 3.48 5.29 -1.73
N TYR B 321 3.37 5.42 -0.39
CA TYR B 321 2.06 5.30 0.24
C TYR B 321 1.33 6.61 0.25
N ARG B 322 2.08 7.71 0.39
CA ARG B 322 1.48 9.01 0.67
C ARG B 322 2.27 10.11 -0.01
N PRO B 323 2.21 10.19 -1.32
CA PRO B 323 3.03 11.10 -2.09
C PRO B 323 2.79 12.55 -1.67
N THR B 324 1.63 12.90 -1.19
CA THR B 324 1.37 14.28 -0.81
C THR B 324 2.06 14.60 0.52
N MET B 325 2.69 13.64 1.17
CA MET B 325 3.41 13.87 2.41
C MET B 325 4.91 13.77 2.17
N LYS B 326 5.35 13.62 0.93
CA LYS B 326 6.77 13.26 0.71
C LYS B 326 7.80 14.38 1.01
N ASP B 327 7.39 15.59 1.24
CA ASP B 327 8.20 16.75 1.53
C ASP B 327 7.94 17.26 2.97
N MET B 328 7.30 16.42 3.78
CA MET B 328 7.15 16.71 5.19
C MET B 328 8.45 16.42 5.92
N THR B 329 8.58 16.97 7.14
CA THR B 329 9.67 16.52 8.01
C THR B 329 9.00 15.37 8.77
N SER B 330 9.51 15.08 9.95
CA SER B 330 8.99 14.17 10.91
C SER B 330 9.30 14.61 12.35
N SER B 331 8.54 14.13 13.31
CA SER B 331 8.84 14.15 14.71
C SER B 331 9.60 12.90 15.17
N ASN B 332 9.88 11.97 14.26
CA ASN B 332 10.33 10.65 14.69
C ASN B 332 11.80 10.60 15.10
N ASN B 333 12.16 9.69 15.96
CA ASN B 333 13.54 9.17 15.95
C ASN B 333 13.92 8.67 14.57
N ILE B 334 15.19 8.79 14.19
CA ILE B 334 15.72 8.31 12.93
C ILE B 334 15.71 6.78 12.72
N THR B 335 15.44 5.99 13.73
CA THR B 335 15.30 4.56 13.65
C THR B 335 14.06 4.07 12.89
N ALA B 336 13.04 4.90 12.65
CA ALA B 336 11.70 4.48 12.28
C ALA B 336 11.59 4.41 10.74
N THR B 337 12.41 3.55 10.15
CA THR B 337 12.59 3.40 8.73
C THR B 337 11.88 2.14 8.20
N GLY B 338 10.92 1.60 8.92
CA GLY B 338 10.06 0.54 8.43
C GLY B 338 10.68 -0.81 8.17
N ASP B 339 11.90 -1.12 8.60
CA ASP B 339 12.52 -2.41 8.34
C ASP B 339 11.66 -3.66 8.53
N GLY B 340 10.84 -3.67 9.56
CA GLY B 340 10.04 -4.83 9.94
C GLY B 340 8.90 -5.10 8.94
N VAL B 341 8.20 -4.07 8.51
CA VAL B 341 7.24 -4.10 7.44
C VAL B 341 7.98 -4.59 6.19
N LEU B 342 9.20 -4.11 5.92
CA LEU B 342 9.85 -4.53 4.67
C LEU B 342 10.22 -6.01 4.70
N MET B 343 10.70 -6.46 5.86
CA MET B 343 11.14 -7.84 5.96
C MET B 343 9.96 -8.79 5.94
N ALA B 344 8.89 -8.45 6.61
CA ALA B 344 7.72 -9.32 6.64
C ALA B 344 7.13 -9.34 5.19
N LYS B 345 7.00 -8.18 4.54
CA LYS B 345 6.38 -8.08 3.23
C LYS B 345 7.09 -9.02 2.27
N GLU B 346 8.41 -9.07 2.35
CA GLU B 346 9.30 -9.77 1.42
C GLU B 346 9.16 -11.27 1.56
N ILE B 347 8.72 -11.83 2.68
CA ILE B 347 8.59 -13.27 2.83
C ILE B 347 7.13 -13.65 2.64
N GLY B 348 6.24 -12.63 2.49
CA GLY B 348 4.88 -12.90 2.11
C GLY B 348 3.83 -12.68 3.17
N ALA B 349 4.14 -11.86 4.16
CA ALA B 349 3.15 -11.44 5.15
C ALA B 349 2.19 -10.48 4.42
N SER B 350 0.97 -10.45 4.89
CA SER B 350 0.02 -9.42 4.64
C SER B 350 0.16 -8.28 5.63
N MET B 351 -0.49 -7.18 5.21
CA MET B 351 -0.43 -5.95 5.97
C MET B 351 -1.86 -5.56 6.33
N THR B 352 -2.03 -4.67 7.29
CA THR B 352 -3.38 -4.12 7.48
C THR B 352 -3.26 -2.61 7.34
N ASP B 353 -4.23 -1.93 6.78
CA ASP B 353 -4.18 -0.48 6.63
C ASP B 353 -2.83 0.03 6.17
N ILE B 354 -2.06 -0.61 5.26
CA ILE B 354 -0.64 -0.37 5.22
C ILE B 354 -0.25 1.09 4.95
N ASP B 355 -0.92 1.85 4.12
CA ASP B 355 -0.58 3.20 3.70
C ASP B 355 -1.11 4.30 4.63
N TRP B 356 -1.71 3.99 5.77
CA TRP B 356 -2.29 5.02 6.63
C TRP B 356 -1.23 5.68 7.52
N VAL B 357 -0.97 6.95 7.23
CA VAL B 357 0.05 7.74 7.92
C VAL B 357 -0.56 8.99 8.58
N GLN B 358 -0.11 9.18 9.82
CA GLN B 358 -0.59 10.38 10.58
C GLN B 358 0.51 11.43 10.57
N ALA B 359 0.17 12.66 10.25
CA ALA B 359 1.12 13.75 10.30
C ALA B 359 0.68 14.82 11.32
N HIS B 360 1.65 15.66 11.72
CA HIS B 360 1.27 16.80 12.58
C HIS B 360 1.56 18.08 11.83
N PRO B 361 0.63 19.03 11.88
CA PRO B 361 0.72 20.21 11.05
C PRO B 361 1.89 21.13 11.37
N THR B 362 2.45 21.15 12.57
CA THR B 362 3.41 22.22 12.94
C THR B 362 4.54 21.61 13.77
N VAL B 363 5.47 20.98 13.07
CA VAL B 363 6.64 20.34 13.63
C VAL B 363 7.78 21.33 13.33
N GLY B 364 8.68 21.42 14.30
CA GLY B 364 9.77 22.39 14.21
C GLY B 364 10.60 22.03 12.98
N LYS B 365 10.76 22.99 12.08
CA LYS B 365 11.57 22.76 10.89
C LYS B 365 13.03 22.58 11.27
N ASP B 366 13.55 23.47 12.12
CA ASP B 366 14.98 23.51 12.38
C ASP B 366 15.34 22.61 13.54
N SER B 367 14.35 22.17 14.28
CA SER B 367 14.52 21.21 15.35
C SER B 367 13.23 20.37 15.44
N ARG B 368 13.28 19.05 15.26
CA ARG B 368 12.08 18.28 15.02
C ARG B 368 11.20 18.03 16.23
N ILE B 369 10.55 19.03 16.77
CA ILE B 369 9.87 18.93 18.08
C ILE B 369 8.43 19.27 17.81
N LEU B 370 7.41 18.64 18.33
CA LEU B 370 6.03 19.08 18.08
C LEU B 370 5.74 20.47 18.65
N ILE B 371 5.40 21.45 17.82
CA ILE B 371 4.84 22.71 18.31
C ILE B 371 3.34 22.56 18.47
N SER B 372 2.96 22.48 19.73
CA SER B 372 1.60 22.22 20.15
C SER B 372 0.59 23.14 19.45
N GLU B 373 -0.60 22.59 19.18
CA GLU B 373 -1.66 23.37 18.53
C GLU B 373 -2.23 24.40 19.49
N THR B 374 -2.22 24.11 20.78
CA THR B 374 -2.60 25.09 21.79
C THR B 374 -1.85 26.43 21.69
N VAL B 375 -0.63 26.49 21.19
CA VAL B 375 0.05 27.77 20.97
C VAL B 375 -0.79 28.65 20.07
N ARG B 376 -1.21 28.08 18.94
CA ARG B 376 -2.15 28.78 18.06
C ARG B 376 -3.43 29.13 18.81
N GLY B 377 -4.03 28.16 19.48
CA GLY B 377 -5.18 28.37 20.32
C GLY B 377 -5.11 29.50 21.34
N VAL B 378 -3.95 29.82 21.94
CA VAL B 378 -3.94 30.85 22.95
C VAL B 378 -3.54 32.20 22.39
N GLY B 379 -3.32 32.29 21.07
CA GLY B 379 -3.33 33.60 20.43
C GLY B 379 -2.39 33.62 19.24
N ALA B 380 -1.50 32.63 19.14
CA ALA B 380 -0.37 32.81 18.23
C ALA B 380 -0.95 33.00 16.83
N VAL B 381 -0.29 33.73 15.97
CA VAL B 381 -0.61 33.99 14.59
C VAL B 381 0.29 33.13 13.73
N MET B 382 -0.17 32.66 12.56
CA MET B 382 0.78 31.98 11.67
C MET B 382 0.94 32.80 10.40
N VAL B 383 2.09 32.64 9.76
CA VAL B 383 2.56 33.56 8.74
C VAL B 383 3.56 32.83 7.87
N ASN B 384 3.62 33.13 6.59
CA ASN B 384 4.58 32.53 5.68
C ASN B 384 5.92 33.22 5.70
N LYS B 385 6.83 32.75 4.85
CA LYS B 385 8.24 33.09 4.86
C LYS B 385 8.50 34.57 4.61
N ASP B 386 7.68 35.21 3.79
CA ASP B 386 7.67 36.66 3.62
C ASP B 386 6.76 37.37 4.62
N GLY B 387 6.26 36.68 5.63
CA GLY B 387 5.59 37.32 6.75
C GLY B 387 4.11 37.52 6.54
N ASN B 388 3.51 36.78 5.62
CA ASN B 388 2.07 36.95 5.38
C ASN B 388 1.22 35.79 5.84
N ARG B 389 0.06 36.10 6.41
CA ARG B 389 -0.92 35.09 6.77
C ARG B 389 -1.49 34.36 5.56
N PHE B 390 -2.15 33.22 5.80
CA PHE B 390 -2.57 32.32 4.72
C PHE B 390 -3.64 31.33 5.14
N ILE B 391 -4.28 31.54 6.28
CA ILE B 391 -5.41 30.77 6.75
C ILE B 391 -5.62 31.05 8.24
N SER B 392 -6.86 30.97 8.70
CA SER B 392 -7.14 30.85 10.12
C SER B 392 -6.17 29.90 10.81
N GLU B 393 -5.75 30.28 12.01
CA GLU B 393 -4.88 29.50 12.87
C GLU B 393 -5.72 28.46 13.59
N LEU B 394 -7.02 28.70 13.69
CA LEU B 394 -7.85 27.63 14.27
C LEU B 394 -8.45 26.72 13.21
N THR B 395 -7.82 26.57 12.03
CA THR B 395 -8.17 25.54 11.08
C THR B 395 -7.83 24.13 11.62
N THR B 396 -8.27 23.15 10.82
CA THR B 396 -8.01 21.76 11.11
C THR B 396 -6.54 21.41 10.94
N ARG B 397 -6.07 20.49 11.78
CA ARG B 397 -4.76 19.87 11.56
C ARG B 397 -4.56 19.65 10.06
N ASP B 398 -5.42 18.81 9.49
CA ASP B 398 -5.45 18.55 8.08
C ASP B 398 -5.38 19.82 7.27
N LYS B 399 -6.26 20.81 7.40
CA LYS B 399 -6.10 22.01 6.57
C LYS B 399 -4.80 22.79 6.80
N ALA B 400 -4.37 22.92 8.04
CA ALA B 400 -3.10 23.62 8.33
C ALA B 400 -1.92 23.08 7.54
N SER B 401 -1.68 21.76 7.51
CA SER B 401 -0.65 21.14 6.70
C SER B 401 -0.77 21.44 5.22
N ASP B 402 -1.96 21.24 4.63
CA ASP B 402 -2.05 21.55 3.21
C ASP B 402 -1.69 23.04 3.03
N ALA B 403 -2.48 23.88 3.71
CA ALA B 403 -2.11 25.30 3.79
C ALA B 403 -0.61 25.51 3.90
N ILE B 404 0.06 24.99 4.93
CA ILE B 404 1.51 25.23 5.02
C ILE B 404 2.27 24.73 3.80
N LEU B 405 2.02 23.48 3.38
CA LEU B 405 2.79 22.90 2.28
C LEU B 405 2.56 23.66 0.98
N LYS B 406 1.44 24.35 0.81
CA LYS B 406 1.25 25.33 -0.24
C LYS B 406 1.90 26.69 -0.02
N GLN B 407 2.92 26.86 0.82
CA GLN B 407 3.54 28.17 0.96
C GLN B 407 5.01 28.09 0.55
N PRO B 408 5.60 29.27 0.34
CA PRO B 408 6.99 29.43 -0.04
C PRO B 408 7.95 28.74 0.89
N GLY B 409 8.68 27.76 0.37
CA GLY B 409 9.59 26.95 1.18
C GLY B 409 8.86 25.88 1.98
N GLN B 410 7.57 25.70 1.79
CA GLN B 410 6.72 24.78 2.51
C GLN B 410 6.98 24.76 4.01
N PHE B 411 7.03 25.97 4.59
CA PHE B 411 7.08 26.16 6.02
C PHE B 411 6.26 27.39 6.41
N ALA B 412 6.04 27.61 7.70
CA ALA B 412 5.51 28.92 8.11
C ALA B 412 6.17 29.37 9.42
N TRP B 413 5.78 30.53 9.93
CA TRP B 413 6.24 30.97 11.24
C TRP B 413 5.06 31.02 12.20
N ILE B 414 5.19 30.34 13.37
CA ILE B 414 4.24 30.68 14.44
C ILE B 414 4.82 31.85 15.25
N ILE B 415 3.98 32.82 15.52
CA ILE B 415 4.38 34.20 15.86
C ILE B 415 3.45 34.76 16.91
N PHE B 416 4.05 35.45 17.88
CA PHE B 416 3.34 35.91 19.07
C PHE B 416 4.17 36.97 19.80
N ASP B 417 3.54 37.58 20.78
CA ASP B 417 4.16 38.65 21.57
C ASP B 417 4.35 38.17 23.01
N ASN B 418 4.70 39.11 23.89
CA ASN B 418 5.09 38.81 25.25
C ASN B 418 3.91 38.42 26.11
N GLN B 419 2.71 38.90 25.76
CA GLN B 419 1.51 38.46 26.47
C GLN B 419 1.37 36.95 26.31
N LEU B 420 1.57 36.45 25.08
CA LEU B 420 1.54 34.99 24.92
C LEU B 420 2.73 34.32 25.63
N TYR B 421 3.91 34.89 25.44
CA TYR B 421 5.11 34.31 26.06
C TYR B 421 4.89 34.08 27.55
N LYS B 422 4.46 35.12 28.28
CA LYS B 422 4.18 34.96 29.71
C LYS B 422 2.93 34.14 29.97
N LYS B 423 1.97 34.05 29.06
CA LYS B 423 0.82 33.19 29.35
C LYS B 423 0.99 31.71 29.03
N ALA B 424 1.97 31.33 28.23
CA ALA B 424 2.06 29.92 27.79
C ALA B 424 3.44 29.33 28.04
N LYS B 425 3.60 28.48 29.06
CA LYS B 425 4.94 28.01 29.41
C LYS B 425 5.57 27.08 28.37
N MET B 426 4.78 26.38 27.56
CA MET B 426 5.38 25.51 26.54
C MET B 426 6.09 26.32 25.46
N VAL B 427 5.61 27.51 25.11
CA VAL B 427 6.41 28.46 24.36
C VAL B 427 7.70 28.86 25.06
N ARG B 428 7.81 28.83 26.39
CA ARG B 428 9.11 29.19 27.00
C ARG B 428 9.97 27.92 27.10
N GLY B 429 9.29 26.78 27.15
CA GLY B 429 9.96 25.50 26.83
C GLY B 429 10.65 25.65 25.48
N TYR B 430 9.92 26.05 24.43
CA TYR B 430 10.57 26.07 23.09
C TYR B 430 11.73 27.06 23.09
N ASP B 431 11.57 28.16 23.84
CA ASP B 431 12.61 29.13 24.09
C ASP B 431 13.80 28.56 24.85
N HIS B 432 13.60 27.86 25.95
CA HIS B 432 14.66 27.09 26.58
C HIS B 432 15.37 26.15 25.61
N LEU B 433 14.64 25.46 24.73
CA LEU B 433 15.29 24.68 23.69
C LEU B 433 15.88 25.52 22.58
N GLU B 434 15.95 26.84 22.69
CA GLU B 434 16.61 27.69 21.72
C GLU B 434 15.88 27.59 20.38
N MET B 435 14.54 27.56 20.41
CA MET B 435 13.83 27.44 19.14
C MET B 435 13.26 28.78 18.66
N LEU B 436 13.24 29.82 19.48
CA LEU B 436 12.58 31.05 19.05
C LEU B 436 13.51 32.11 18.47
N TYR B 437 13.16 32.60 17.30
CA TYR B 437 13.63 33.89 16.78
C TYR B 437 12.99 34.96 17.66
N LYS B 438 13.80 35.78 18.32
CA LYS B 438 13.21 36.90 19.08
C LYS B 438 13.65 38.21 18.45
N GLY B 439 12.76 39.21 18.54
CA GLY B 439 13.02 40.53 17.97
C GLY B 439 12.30 41.62 18.76
N ASP B 440 13.05 42.68 19.12
CA ASP B 440 12.46 43.63 20.08
C ASP B 440 11.55 44.59 19.33
N THR B 441 11.76 44.81 18.04
CA THR B 441 10.68 45.26 17.17
C THR B 441 10.28 44.20 16.14
N VAL B 442 9.01 44.19 15.78
CA VAL B 442 8.48 43.45 14.65
C VAL B 442 9.43 43.48 13.46
N GLU B 443 9.80 44.67 13.01
CA GLU B 443 10.83 44.92 12.02
C GLU B 443 12.15 44.22 12.28
N GLN B 444 12.59 44.14 13.53
CA GLN B 444 13.75 43.37 13.93
C GLN B 444 13.50 41.87 13.81
N LEU B 445 12.30 41.49 14.26
CA LEU B 445 11.84 40.11 14.07
C LEU B 445 11.88 39.75 12.60
N ALA B 446 11.31 40.55 11.73
CA ALA B 446 11.26 40.29 10.29
C ALA B 446 12.61 40.05 9.64
N LYS B 447 13.65 40.74 10.09
CA LYS B 447 14.99 40.63 9.52
C LYS B 447 15.77 39.44 10.03
N SER B 448 15.54 39.03 11.28
CA SER B 448 16.13 37.84 11.84
C SER B 448 15.62 36.57 11.18
N THR B 449 14.30 36.57 11.01
CA THR B 449 13.56 35.47 10.43
C THR B 449 13.66 35.44 8.91
N GLY B 450 14.03 36.58 8.32
CA GLY B 450 14.27 36.62 6.87
C GLY B 450 12.93 36.77 6.15
N MET B 451 11.95 37.29 6.90
CA MET B 451 10.71 37.73 6.32
C MET B 451 10.87 39.09 5.66
N LYS B 452 9.75 39.58 5.11
CA LYS B 452 9.73 40.91 4.51
C LYS B 452 8.95 41.85 5.42
N VAL B 453 9.73 42.84 5.86
CA VAL B 453 9.37 43.86 6.83
C VAL B 453 8.06 44.54 6.48
N ALA B 454 7.96 44.98 5.22
CA ALA B 454 6.72 45.54 4.68
C ALA B 454 5.50 44.66 4.98
N ASP B 455 5.53 43.44 4.46
CA ASP B 455 4.49 42.45 4.68
C ASP B 455 4.28 42.16 6.15
N LEU B 456 5.34 41.87 6.93
CA LEU B 456 5.08 41.54 8.34
C LEU B 456 4.46 42.75 9.05
N ALA B 457 4.97 43.95 8.75
CA ALA B 457 4.33 45.14 9.30
C ALA B 457 2.87 45.19 8.87
N LYS B 458 2.55 45.04 7.59
CA LYS B 458 1.14 44.96 7.21
C LYS B 458 0.32 43.98 8.04
N THR B 459 0.78 42.74 8.17
CA THR B 459 0.07 41.72 8.95
C THR B 459 -0.29 42.12 10.37
N VAL B 460 0.65 42.51 11.22
CA VAL B 460 0.35 42.74 12.63
C VAL B 460 -0.62 43.89 12.88
N SER B 461 -0.44 44.96 12.13
CA SER B 461 -1.42 46.04 12.06
C SER B 461 -2.81 45.53 11.73
N ASP B 462 -2.92 44.77 10.63
CA ASP B 462 -4.18 44.08 10.35
C ASP B 462 -4.59 43.19 11.51
N TYR B 463 -3.71 42.27 11.93
CA TYR B 463 -4.12 41.39 13.03
C TYR B 463 -4.63 42.24 14.18
N ASN B 464 -3.90 43.25 14.65
CA ASN B 464 -4.37 44.10 15.74
C ASN B 464 -5.68 44.80 15.36
N GLY B 465 -5.74 45.40 14.18
CA GLY B 465 -7.01 45.74 13.56
C GLY B 465 -8.08 44.68 13.78
N TYR B 466 -7.84 43.44 13.34
CA TYR B 466 -8.89 42.43 13.49
C TYR B 466 -9.11 42.07 14.96
N VAL B 467 -8.09 41.97 15.80
CA VAL B 467 -8.37 41.68 17.22
C VAL B 467 -9.11 42.85 17.86
N ALA B 468 -8.76 44.08 17.51
CA ALA B 468 -9.56 45.24 17.91
C ALA B 468 -11.02 45.12 17.48
N SER B 469 -11.28 44.93 16.19
CA SER B 469 -12.65 44.72 15.71
C SER B 469 -13.30 43.41 16.13
N GLY B 470 -12.52 42.36 16.38
CA GLY B 470 -13.03 41.04 16.68
C GLY B 470 -13.55 40.38 15.39
N LYS B 471 -12.97 40.78 14.27
CA LYS B 471 -13.50 40.47 12.96
C LYS B 471 -12.36 40.17 11.99
N ASP B 472 -12.00 38.90 11.86
CA ASP B 472 -10.91 38.60 10.91
C ASP B 472 -11.49 38.58 9.50
N THR B 473 -11.20 39.67 8.78
CA THR B 473 -11.80 39.91 7.48
C THR B 473 -10.88 39.34 6.40
N ALA B 474 -9.63 39.13 6.78
CA ALA B 474 -8.70 38.46 5.87
C ALA B 474 -9.03 36.97 5.78
N PHE B 475 -8.85 36.25 6.88
CA PHE B 475 -8.79 34.80 6.85
C PHE B 475 -9.82 34.17 7.78
N GLY B 476 -10.66 35.00 8.37
CA GLY B 476 -11.79 34.53 9.14
C GLY B 476 -11.46 34.05 10.53
N ARG B 477 -10.25 34.26 11.06
CA ARG B 477 -9.92 33.63 12.34
C ARG B 477 -11.12 33.82 13.29
N ALA B 478 -11.60 32.70 13.80
CA ALA B 478 -12.80 32.71 14.63
C ALA B 478 -12.63 33.69 15.77
N ASP B 479 -11.64 33.41 16.62
CA ASP B 479 -11.42 34.24 17.81
C ASP B 479 -9.94 34.49 18.07
N MET B 480 -9.72 35.69 18.62
CA MET B 480 -8.41 36.30 18.78
C MET B 480 -8.28 36.87 20.19
N PRO B 481 -7.74 36.06 21.10
CA PRO B 481 -7.79 36.35 22.53
C PRO B 481 -6.72 37.31 23.04
N LEU B 482 -5.70 37.61 22.25
CA LEU B 482 -4.55 38.42 22.58
C LEU B 482 -3.96 38.96 21.26
N ASN B 483 -3.43 40.17 21.29
CA ASN B 483 -2.89 40.84 20.12
C ASN B 483 -1.38 40.89 20.10
N MET B 484 -0.79 41.61 19.14
CA MET B 484 0.66 41.73 19.10
C MET B 484 1.23 43.13 19.31
N THR B 485 1.49 43.45 20.59
CA THR B 485 2.01 44.77 20.96
C THR B 485 3.18 44.74 21.94
N GLN B 486 3.04 43.94 23.00
CA GLN B 486 4.05 43.93 24.08
C GLN B 486 5.34 43.35 23.51
N SER B 487 6.45 44.02 23.77
CA SER B 487 7.58 44.12 22.89
C SER B 487 8.16 42.82 22.34
N PRO B 488 9.07 42.24 23.12
CA PRO B 488 9.85 41.13 22.52
C PRO B 488 8.91 40.30 21.67
N TYR B 489 9.12 40.29 20.36
CA TYR B 489 8.33 39.50 19.42
C TYR B 489 9.05 38.21 19.05
N TYR B 490 8.29 37.10 18.94
CA TYR B 490 8.93 35.78 18.76
C TYR B 490 8.54 35.05 17.48
N ALA B 491 9.43 34.19 16.98
CA ALA B 491 9.20 33.36 15.80
C ALA B 491 9.72 31.92 15.96
N VAL B 492 8.93 30.94 15.47
CA VAL B 492 9.36 29.57 15.41
C VAL B 492 9.11 28.96 14.02
N LYS B 493 10.14 28.33 13.47
CA LYS B 493 10.01 27.74 12.14
C LYS B 493 9.34 26.37 12.26
N VAL B 494 8.25 26.18 11.53
CA VAL B 494 7.44 24.97 11.61
C VAL B 494 7.12 24.48 10.19
N ALA B 495 6.83 23.17 10.13
CA ALA B 495 6.25 22.57 8.93
C ALA B 495 5.61 21.24 9.32
N PRO B 496 4.57 20.85 8.56
CA PRO B 496 3.88 19.59 8.79
C PRO B 496 4.88 18.43 8.80
N GLY B 497 4.80 17.60 9.82
CA GLY B 497 5.63 16.45 9.93
C GLY B 497 4.95 15.11 10.10
N ILE B 498 5.63 14.08 9.51
CA ILE B 498 5.20 12.69 9.73
C ILE B 498 5.39 12.30 11.18
N HIS B 499 4.36 11.72 11.76
CA HIS B 499 4.30 11.33 13.15
C HIS B 499 4.09 9.85 13.46
N HIS B 500 3.10 9.11 12.99
CA HIS B 500 3.04 7.67 13.36
C HIS B 500 2.47 6.98 12.10
N THR B 501 2.88 5.77 11.81
CA THR B 501 2.28 5.02 10.69
C THR B 501 1.42 3.94 11.28
N MET B 502 0.09 4.15 11.24
CA MET B 502 -0.90 3.25 11.77
C MET B 502 -0.90 1.93 11.03
N GLY B 503 -0.55 1.93 9.74
CA GLY B 503 -0.58 0.66 9.03
C GLY B 503 0.69 -0.12 9.47
N GLY B 504 0.73 -1.36 9.05
CA GLY B 504 1.85 -2.24 9.28
C GLY B 504 1.40 -3.67 9.00
N VAL B 505 2.17 -4.59 9.52
CA VAL B 505 2.02 -6.03 9.43
C VAL B 505 0.63 -6.38 9.95
N ALA B 506 -0.01 -7.35 9.30
CA ALA B 506 -1.26 -7.94 9.75
C ALA B 506 -1.00 -8.87 10.97
N ILE B 507 -1.89 -8.69 11.93
CA ILE B 507 -1.77 -9.51 13.17
C ILE B 507 -3.11 -10.06 13.60
N ASN B 508 -3.14 -11.25 14.21
CA ASN B 508 -4.30 -11.77 14.94
C ASN B 508 -4.23 -11.37 16.42
N THR B 509 -5.23 -11.79 17.23
CA THR B 509 -5.33 -11.39 18.61
C THR B 509 -4.19 -11.89 19.52
N THR B 510 -3.47 -12.92 19.07
CA THR B 510 -2.36 -13.47 19.83
C THR B 510 -1.02 -13.07 19.21
N ALA B 511 -1.00 -12.03 18.41
CA ALA B 511 0.16 -11.37 17.85
C ALA B 511 0.96 -12.19 16.89
N SER B 512 0.44 -13.30 16.34
CA SER B 512 1.05 -13.85 15.14
C SER B 512 0.96 -12.87 13.95
N VAL B 513 2.01 -12.74 13.14
CA VAL B 513 1.94 -12.03 11.86
C VAL B 513 1.17 -12.90 10.85
N LEU B 514 0.25 -12.34 10.08
CA LEU B 514 -0.56 -13.15 9.16
C LEU B 514 0.05 -13.23 7.76
N ASP B 515 -0.29 -14.33 7.03
CA ASP B 515 0.22 -14.49 5.67
C ASP B 515 -0.83 -13.94 4.67
N LEU B 516 -0.67 -14.31 3.41
CA LEU B 516 -1.61 -13.71 2.43
C LEU B 516 -2.97 -14.35 2.53
N GLN B 517 -3.14 -15.54 3.09
CA GLN B 517 -4.47 -16.08 3.32
C GLN B 517 -5.02 -15.61 4.65
N SER B 518 -4.32 -14.71 5.33
CA SER B 518 -4.65 -14.13 6.61
C SER B 518 -4.49 -15.17 7.75
N LYS B 519 -3.57 -16.09 7.64
CA LYS B 519 -3.26 -17.15 8.54
C LYS B 519 -1.91 -16.92 9.21
N PRO B 520 -1.80 -17.34 10.48
CA PRO B 520 -0.58 -17.17 11.24
C PRO B 520 0.60 -17.75 10.52
N ILE B 521 1.62 -16.94 10.27
CA ILE B 521 2.92 -17.42 9.85
C ILE B 521 3.64 -18.17 11.00
N ASP B 522 4.14 -19.36 10.67
CA ASP B 522 4.80 -20.21 11.64
C ASP B 522 6.08 -19.52 12.15
N GLY B 523 6.16 -19.25 13.47
CA GLY B 523 7.39 -18.62 13.97
C GLY B 523 7.43 -17.10 13.96
N LEU B 524 6.37 -16.32 13.72
CA LEU B 524 6.58 -14.91 13.38
C LEU B 524 5.54 -14.12 14.17
N PHE B 525 5.99 -13.12 14.96
CA PHE B 525 5.07 -12.40 15.83
C PHE B 525 5.41 -10.91 15.69
N ALA B 526 4.53 -10.01 16.17
CA ALA B 526 4.88 -8.61 16.07
C ALA B 526 4.02 -7.84 17.08
N ALA B 527 4.46 -6.63 17.39
CA ALA B 527 3.75 -5.82 18.43
C ALA B 527 4.16 -4.38 18.39
N GLY B 528 3.25 -3.43 18.54
CA GLY B 528 3.65 -2.02 18.52
C GLY B 528 3.37 -1.33 17.17
N GLU B 529 4.11 -0.26 16.85
CA GLU B 529 3.88 0.49 15.65
C GLU B 529 4.16 -0.27 14.35
N VAL B 530 4.89 -1.36 14.29
CA VAL B 530 5.17 -2.09 13.05
C VAL B 530 3.97 -2.87 12.50
N THR B 531 2.95 -2.96 13.32
CA THR B 531 1.71 -3.70 13.24
C THR B 531 0.63 -2.76 12.74
N GLY B 532 -0.30 -3.28 11.90
CA GLY B 532 -1.49 -2.47 11.66
C GLY B 532 -2.76 -2.93 12.31
N GLY B 533 -3.77 -2.09 12.30
CA GLY B 533 -5.10 -2.55 12.74
C GLY B 533 -5.57 -2.16 14.15
N VAL B 534 -4.67 -1.83 15.06
CA VAL B 534 -5.09 -1.37 16.40
C VAL B 534 -5.67 0.02 16.31
N HIS B 535 -5.12 0.94 15.50
CA HIS B 535 -5.57 2.31 15.49
C HIS B 535 -6.43 2.71 14.30
N GLY B 536 -6.73 1.72 13.41
CA GLY B 536 -7.60 2.09 12.29
C GLY B 536 -6.89 3.15 11.46
N TYR B 537 -7.64 4.14 11.01
CA TYR B 537 -7.09 5.20 10.19
C TYR B 537 -6.62 6.37 11.05
N ASN B 538 -6.63 6.29 12.37
CA ASN B 538 -6.16 7.45 13.15
C ASN B 538 -5.85 7.07 14.59
N ARG B 539 -4.58 7.09 14.99
CA ARG B 539 -4.14 6.81 16.36
C ARG B 539 -4.57 7.90 17.33
N LEU B 540 -5.07 7.62 18.50
CA LEU B 540 -5.35 8.69 19.48
C LEU B 540 -4.19 8.80 20.48
N GLY B 541 -3.95 10.00 20.99
CA GLY B 541 -3.07 10.20 22.15
C GLY B 541 -3.23 9.15 23.21
N GLY B 542 -2.15 8.51 23.65
CA GLY B 542 -2.16 7.46 24.64
C GLY B 542 -2.39 6.06 24.19
N ASN B 543 -2.88 5.92 22.90
CA ASN B 543 -3.28 4.55 22.54
C ASN B 543 -2.06 3.79 22.03
N ALA B 544 -1.11 4.47 21.41
CA ALA B 544 0.08 3.79 20.87
C ALA B 544 0.96 3.27 21.96
N ILE B 545 1.20 3.97 23.09
CA ILE B 545 2.09 3.35 24.13
C ILE B 545 1.34 2.21 24.74
N ALA B 546 0.02 2.39 24.93
CA ALA B 546 -0.77 1.30 25.50
C ALA B 546 -0.62 0.07 24.61
N ASP B 547 -0.69 0.31 23.29
CA ASP B 547 -0.61 -0.84 22.34
C ASP B 547 0.72 -1.55 22.54
N THR B 548 1.81 -0.78 22.56
CA THR B 548 3.13 -1.39 22.78
C THR B 548 3.18 -2.22 24.07
N VAL B 549 2.44 -1.83 25.12
CA VAL B 549 2.55 -2.64 26.35
C VAL B 549 1.66 -3.86 26.20
N VAL B 550 0.36 -3.65 25.94
CA VAL B 550 -0.51 -4.81 25.86
C VAL B 550 -0.04 -5.81 24.81
N PHE B 551 0.33 -5.41 23.58
CA PHE B 551 0.55 -6.46 22.54
C PHE B 551 2.01 -6.86 22.57
N GLY B 552 2.87 -5.96 23.07
CA GLY B 552 4.24 -6.36 23.39
C GLY B 552 4.23 -7.62 24.26
N ARG B 553 3.45 -7.57 25.34
CA ARG B 553 3.48 -8.69 26.30
C ARG B 553 2.81 -9.91 25.69
N ILE B 554 1.67 -9.62 24.99
CA ILE B 554 1.00 -10.73 24.28
C ILE B 554 1.96 -11.36 23.31
N ALA B 555 2.74 -10.61 22.53
CA ALA B 555 3.62 -11.25 21.54
C ALA B 555 4.74 -12.03 22.15
N GLY B 556 5.40 -11.44 23.18
CA GLY B 556 6.47 -12.22 23.82
C GLY B 556 5.92 -13.45 24.51
N ASP B 557 4.74 -13.37 25.15
CA ASP B 557 4.26 -14.63 25.79
C ASP B 557 3.93 -15.71 24.76
N ASN B 558 3.31 -15.25 23.65
CA ASN B 558 2.89 -16.26 22.63
C ASN B 558 4.12 -16.76 21.93
N ALA B 559 5.12 -15.87 21.75
CA ALA B 559 6.38 -16.36 21.19
C ALA B 559 7.04 -17.47 22.01
N ALA B 560 7.11 -17.32 23.34
CA ALA B 560 7.79 -18.30 24.20
C ALA B 560 7.01 -19.60 24.27
N LYS B 561 5.69 -19.47 24.40
CA LYS B 561 4.83 -20.66 24.30
C LYS B 561 5.17 -21.41 23.03
N HIS B 562 5.29 -20.67 21.88
CA HIS B 562 5.54 -21.38 20.63
C HIS B 562 6.88 -22.06 20.69
N ALA B 563 7.92 -21.36 21.20
CA ALA B 563 9.23 -22.01 21.30
C ALA B 563 9.28 -23.07 22.40
N LEU B 564 8.43 -23.04 23.40
CA LEU B 564 8.33 -24.13 24.38
C LEU B 564 7.26 -25.04 23.85
N ASP B 565 6.34 -25.71 24.49
CA ASP B 565 5.26 -26.38 23.76
C ASP B 565 4.33 -27.05 24.81
CHA HEM C . -11.50 -16.89 -26.09
CHB HEM C . -10.07 -16.00 -30.64
CHC HEM C . -8.41 -11.76 -29.01
CHD HEM C . -8.78 -13.29 -24.41
C1A HEM C . -11.35 -17.04 -27.44
C2A HEM C . -11.92 -18.03 -28.34
C3A HEM C . -11.53 -17.77 -29.57
C4A HEM C . -10.66 -16.60 -29.51
CMA HEM C . -11.81 -18.52 -30.90
CAA HEM C . -12.78 -19.23 -27.85
CBA HEM C . -14.31 -18.97 -27.94
CGA HEM C . -14.72 -17.97 -26.90
O1A HEM C . -15.21 -16.89 -27.37
O2A HEM C . -14.56 -18.24 -25.67
C1B HEM C . -9.66 -14.67 -30.61
C2B HEM C . -9.43 -13.82 -31.77
C3B HEM C . -9.01 -12.66 -31.30
C4B HEM C . -8.92 -12.71 -29.87
CMB HEM C . -9.72 -14.30 -33.18
CAB HEM C . -8.73 -11.29 -32.05
CBB HEM C . -9.30 -11.02 -33.22
C1C HEM C . -8.26 -11.82 -27.64
C2C HEM C . -7.76 -10.78 -26.76
C3C HEM C . -7.90 -11.19 -25.50
C4C HEM C . -8.51 -12.50 -25.54
CMC HEM C . -7.16 -9.48 -27.32
CAC HEM C . -7.60 -10.49 -24.13
CBC HEM C . -7.77 -9.20 -23.94
C1D HEM C . -9.60 -14.39 -24.47
C2D HEM C . -10.12 -15.10 -23.28
C3D HEM C . -10.87 -16.08 -23.75
C4D HEM C . -10.87 -16.05 -25.20
CMD HEM C . -9.78 -14.70 -21.84
CAD HEM C . -11.65 -17.17 -22.93
CBD HEM C . -10.96 -18.51 -22.98
CGD HEM C . -11.63 -19.72 -22.27
O1D HEM C . -12.17 -19.57 -21.16
O2D HEM C . -11.61 -20.83 -22.84
NA HEM C . -10.63 -16.13 -28.23
NB HEM C . -9.31 -13.98 -29.47
NC HEM C . -8.72 -12.85 -26.86
ND HEM C . -10.06 -14.98 -25.61
FE HEM C . -9.76 -14.44 -27.55
CHA HEM D . -6.40 -9.82 -43.86
CHB HEM D . -9.17 -5.93 -44.11
CHC HEM D . -9.77 -5.70 -39.34
CHD HEM D . -6.26 -9.06 -39.09
C1A HEM D . -7.15 -8.77 -44.35
C2A HEM D . -7.35 -8.46 -45.79
C3A HEM D . -8.11 -7.42 -45.85
C4A HEM D . -8.43 -6.99 -44.49
CMA HEM D . -8.69 -6.61 -47.06
CAA HEM D . -6.71 -9.32 -46.90
CBA HEM D . -7.53 -10.63 -47.16
CGA HEM D . -8.99 -10.32 -47.31
O1A HEM D . -9.26 -9.50 -48.24
O2A HEM D . -9.82 -10.84 -46.52
C1B HEM D . -9.67 -5.57 -42.86
C2B HEM D . -10.71 -4.66 -42.59
C3B HEM D . -10.94 -4.68 -41.29
C4B HEM D . -9.95 -5.50 -40.68
CMB HEM D . -11.47 -3.89 -43.72
CAB HEM D . -12.10 -4.07 -40.48
CBB HEM D . -13.36 -3.98 -40.95
C1C HEM D . -8.82 -6.60 -38.89
C2C HEM D . -8.50 -6.77 -37.47
C3C HEM D . -7.58 -7.72 -37.40
C4C HEM D . -7.20 -8.09 -38.76
CMC HEM D . -9.22 -5.93 -36.40
CAC HEM D . -6.91 -8.46 -36.22
CBC HEM D . -7.65 -8.94 -35.14
C1D HEM D . -6.08 -9.63 -40.31
C2D HEM D . -5.21 -10.72 -40.62
C3D HEM D . -5.25 -10.88 -41.94
C4D HEM D . -6.15 -9.93 -42.52
CMD HEM D . -4.41 -11.56 -39.58
CAD HEM D . -4.54 -12.05 -42.73
CBD HEM D . -5.58 -13.17 -42.90
CGD HEM D . -5.43 -13.86 -44.24
O1D HEM D . -4.44 -14.67 -44.22
O2D HEM D . -6.21 -13.53 -45.16
NA HEM D . -7.82 -7.84 -43.62
NB HEM D . -9.20 -6.12 -41.67
NC HEM D . -7.97 -7.36 -39.60
ND HEM D . -6.65 -9.09 -41.51
FE HEM D . -7.97 -7.61 -41.60
CHA HEM E . -5.60 -3.98 -50.43
CHB HEM E . -6.76 -3.09 -45.84
CHC HEM E . -8.51 1.25 -46.95
CHD HEM E . -8.81 -0.55 -51.44
C1A HEM E . -5.68 -4.06 -49.06
C2A HEM E . -5.00 -5.04 -48.26
C3A HEM E . -5.28 -4.81 -46.96
C4A HEM E . -6.13 -3.65 -46.92
CMA HEM E . -4.81 -5.66 -45.74
CAA HEM E . -4.10 -6.15 -48.83
CBA HEM E . -4.88 -7.44 -48.85
CGA HEM E . -4.06 -8.65 -49.24
O1A HEM E . -4.79 -9.54 -49.77
O2A HEM E . -2.84 -8.56 -48.96
C1B HEM E . -7.23 -1.82 -45.71
C2B HEM E . -7.24 -1.05 -44.51
C3B HEM E . -7.70 0.14 -44.85
C4B HEM E . -8.00 0.16 -46.27
CMB HEM E . -6.88 -1.54 -43.08
CAB HEM E . -7.80 1.41 -43.98
CBB HEM E . -6.83 1.79 -43.13
C1C HEM E . -8.83 1.08 -48.30
C2C HEM E . -9.59 2.03 -49.10
C3C HEM E . -9.63 1.56 -50.35
C4C HEM E . -8.98 0.28 -50.38
CMC HEM E . -10.16 3.33 -48.54
CAC HEM E . -10.23 2.18 -51.65
CBC HEM E . -10.07 3.58 -51.81
C1D HEM E . -7.93 -1.58 -51.60
C2D HEM E . -7.63 -2.29 -52.83
C3D HEM E . -6.76 -3.20 -52.57
C4D HEM E . -6.46 -3.15 -51.13
CMD HEM E . -8.27 -1.82 -54.19
CAD HEM E . -6.11 -4.24 -53.53
CBD HEM E . -7.12 -5.45 -53.56
CGD HEM E . -7.08 -6.18 -54.87
O1D HEM E . -7.09 -5.50 -55.96
O2D HEM E . -6.98 -7.45 -54.74
NA HEM E . -6.37 -3.20 -48.20
NB HEM E . -7.61 -1.03 -46.76
NC HEM E . -8.52 0.00 -49.09
ND HEM E . -7.22 -2.15 -50.58
FE HEM E . -7.41 -1.56 -48.67
CHA HEM F . -1.31 8.12 -39.84
CHB HEM F . 0.55 10.52 -43.69
CHC HEM F . -1.70 7.56 -46.81
CHD HEM F . -3.50 5.14 -43.00
C1A HEM F . -0.66 9.04 -40.66
C2A HEM F . 0.03 10.21 -40.14
C3A HEM F . 0.54 10.82 -41.20
C4A HEM F . 0.21 10.09 -42.39
CMA HEM F . 1.40 12.10 -41.26
CAA HEM F . 0.11 10.62 -38.65
CBA HEM F . 1.00 9.98 -37.60
CGA HEM F . 1.31 10.56 -36.24
O1A HEM F . 2.56 10.46 -35.91
O2A HEM F . 0.44 11.06 -35.46
C1B HEM F . 0.20 9.86 -44.85
C2B HEM F . 0.73 10.12 -46.18
C3B HEM F . 0.15 9.27 -47.04
C4B HEM F . -0.81 8.50 -46.28
CMB HEM F . 1.84 11.15 -46.47
CAB HEM F . 0.44 9.04 -48.52
CBB HEM F . 1.60 9.03 -49.23
C1C HEM F . -2.44 6.68 -46.03
C2C HEM F . -3.33 5.66 -46.53
C3C HEM F . -3.78 4.99 -45.51
C4C HEM F . -3.24 5.56 -44.31
CMC HEM F . -3.63 5.44 -48.04
CAC HEM F . -4.67 3.71 -45.41
CBC HEM F . -4.44 2.67 -46.26
C1D HEM F . -3.06 5.68 -41.81
C2D HEM F . -3.36 5.24 -40.48
C3D HEM F . -2.74 6.04 -39.64
C4D HEM F . -2.03 7.08 -40.41
CMD HEM F . -4.25 3.99 -40.21
CAD HEM F . -2.62 6.03 -38.09
CBD HEM F . -1.24 5.39 -37.75
CGD HEM F . -0.90 4.10 -38.47
O1D HEM F . -1.82 3.21 -38.48
O2D HEM F . 0.20 3.91 -39.03
NA HEM F . -0.60 9.02 -42.05
NB HEM F . -0.72 8.86 -44.94
NC HEM F . -2.42 6.63 -44.65
ND HEM F . -2.26 6.80 -41.74
FE HEM F . -1.47 7.76 -43.36
PA FAD G . -12.04 -2.67 -17.23
O1A FAD G . -13.09 -3.48 -17.93
O2A FAD G . -10.75 -3.08 -17.20
O5B FAD G . -11.88 -1.45 -18.21
C5B FAD G . -11.09 -0.24 -17.89
C4B FAD G . -10.98 0.65 -19.23
O4B FAD G . -10.16 1.84 -18.78
C3B FAD G . -10.06 -0.03 -20.29
O3B FAD G . -10.56 -0.33 -21.52
C2B FAD G . -8.66 0.69 -20.15
O2B FAD G . -7.89 0.78 -21.37
C1B FAD G . -9.15 2.06 -19.84
N9A FAD G . -8.15 2.88 -19.15
C8A FAD G . -7.23 2.49 -18.20
N7A FAD G . -6.41 3.45 -17.88
C5A FAD G . -6.79 4.55 -18.64
C6A FAD G . -6.24 5.89 -18.82
N6A FAD G . -5.20 6.34 -18.17
N1A FAD G . -6.94 6.68 -19.68
C2A FAD G . -7.99 6.23 -20.44
N3A FAD G . -8.55 5.00 -20.36
C4A FAD G . -7.89 4.22 -19.46
N1 FAD G . -15.66 -10.81 -12.68
C2 FAD G . -16.89 -11.19 -12.51
O2 FAD G . -17.67 -10.81 -11.70
N3 FAD G . -17.51 -12.19 -13.32
C4 FAD G . -16.71 -12.72 -14.33
O4 FAD G . -17.14 -13.59 -15.03
C4X FAD G . -15.31 -12.31 -14.47
N5 FAD G . -14.53 -12.88 -15.39
C5X FAD G . -13.25 -12.46 -15.59
C6 FAD G . -12.50 -13.08 -16.59
C7 FAD G . -11.20 -12.67 -16.81
C7M FAD G . -10.33 -13.28 -17.86
C8 FAD G . -10.69 -11.58 -16.02
C8M FAD G . -9.30 -11.08 -16.31
C9 FAD G . -11.43 -10.95 -15.06
C9A FAD G . -12.73 -11.36 -14.81
N10 FAD G . -13.57 -10.82 -13.83
C10 FAD G . -14.82 -11.26 -13.63
C1' FAD G . -13.26 -9.46 -13.25
C2' FAD G . -14.15 -8.37 -13.94
O2' FAD G . -14.10 -8.83 -15.34
C3' FAD G . -13.29 -7.08 -13.93
O3' FAD G . -12.97 -6.70 -12.59
C4' FAD G . -14.26 -5.91 -14.29
O4' FAD G . -14.62 -6.16 -15.67
C5' FAD G . -13.38 -4.61 -14.26
O5' FAD G . -14.27 -3.57 -15.02
P FAD G . -13.88 -2.08 -15.13
O1P FAD G . -15.04 -1.45 -15.87
O2P FAD G . -13.58 -1.73 -13.81
O3P FAD G . -12.62 -2.12 -15.82
CHA HEM H . 12.93 17.61 24.87
CHB HEM H . 17.66 17.93 25.70
CHC HEM H . 18.38 14.28 22.64
CHD HEM H . 13.77 14.54 21.21
C1A HEM H . 14.12 17.99 25.43
C2A HEM H . 14.33 18.94 26.51
C3A HEM H . 15.63 19.02 26.75
C4A HEM H . 16.30 18.13 25.81
CMA HEM H . 16.38 19.88 27.80
CAA HEM H . 13.17 19.67 27.24
CBA HEM H . 12.70 18.92 28.46
CGA HEM H . 12.07 17.58 28.24
O1A HEM H . 12.79 16.57 28.55
O2A HEM H . 10.88 17.55 27.77
C1B HEM H . 18.26 16.88 25.03
C2B HEM H . 19.59 16.39 25.26
C3B HEM H . 19.79 15.35 24.44
C4B HEM H . 18.58 15.19 23.64
CMB HEM H . 20.57 16.95 26.32
CAB HEM H . 20.98 14.41 24.32
CBB HEM H . 21.74 13.94 25.28
C1C HEM H . 17.18 14.03 21.97
C2C HEM H . 16.98 12.97 20.97
C3C HEM H . 15.71 13.01 20.63
C4C HEM H . 15.08 14.13 21.33
CMC HEM H . 18.10 12.01 20.54
CAC HEM H . 14.93 12.07 19.65
CBC HEM H . 15.35 10.86 19.32
C1D HEM H . 13.14 15.39 22.10
C2D HEM H . 11.71 15.62 22.15
C3D HEM H . 11.47 16.46 23.16
C4D HEM H . 12.73 16.78 23.79
CMD HEM H . 10.71 15.00 21.12
CAD HEM H . 10.11 17.02 23.62
CBD HEM H . 9.70 18.38 23.02
CGD HEM H . 8.38 18.82 23.62
O1D HEM H . 7.47 17.95 23.60
O2D HEM H . 8.43 19.97 24.12
NA HEM H . 15.34 17.52 25.02
NB HEM H . 17.65 16.13 24.02
NC HEM H . 16.00 14.71 22.15
ND HEM H . 13.73 16.12 23.12
FE HEM H . 15.67 16.09 23.62
CHA HEM I . 32.47 16.03 27.23
CHB HEM I . 33.06 11.60 29.09
CHC HEM I . 28.68 10.46 27.43
CHD HEM I . 28.58 14.47 24.75
C1A HEM I . 32.97 14.99 27.98
C2A HEM I . 34.11 14.98 28.86
C3A HEM I . 34.24 13.77 29.37
C4A HEM I . 33.19 12.95 28.81
CMA HEM I . 35.27 13.20 30.37
CAA HEM I . 34.99 16.23 29.19
CBA HEM I . 34.96 16.59 30.68
CGA HEM I . 36.25 16.43 31.46
O1A HEM I . 36.26 15.56 32.37
O2A HEM I . 37.20 17.20 31.12
C1B HEM I . 31.85 10.99 28.88
C2B HEM I . 31.40 9.85 29.66
C3B HEM I . 30.17 9.55 29.22
C4B HEM I . 29.84 10.47 28.15
CMB HEM I . 32.20 9.16 30.77
CAB HEM I . 29.21 8.48 29.73
CBB HEM I . 29.13 8.07 31.00
C1C HEM I . 28.26 11.44 26.56
C2C HEM I . 26.99 11.45 25.85
C3C HEM I . 26.94 12.57 25.11
C4C HEM I . 28.21 13.26 25.31
CMC HEM I . 25.94 10.33 26.04
CAC HEM I . 25.78 13.10 24.25
CBC HEM I . 24.55 12.58 24.29
C1D HEM I . 29.61 15.28 25.23
C2D HEM I . 29.86 16.64 24.84
C3D HEM I . 30.95 17.03 25.51
C4D HEM I . 31.37 15.96 26.38
CMD HEM I . 29.04 17.44 23.82
CAD HEM I . 31.65 18.44 25.52
CBD HEM I . 30.69 19.29 26.36
CGD HEM I . 31.07 20.52 27.06
O1D HEM I . 31.28 21.49 26.27
O2D HEM I . 31.13 20.53 28.32
NA HEM I . 32.43 13.72 27.97
NB HEM I . 30.87 11.37 27.97
NC HEM I . 28.99 12.53 26.20
ND HEM I . 30.54 14.87 26.16
FE HEM I . 30.65 13.18 27.16
CHA HEM J . 40.18 12.61 28.51
CHB HEM J . 36.12 10.49 26.98
CHC HEM J . 37.88 6.29 28.60
CHD HEM J . 41.07 8.73 31.30
C1A HEM J . 38.98 12.38 27.89
C2A HEM J . 38.24 13.34 27.11
C3A HEM J . 37.11 12.76 26.68
C4A HEM J . 37.11 11.41 27.20
CMA HEM J . 35.99 13.35 25.80
CAA HEM J . 38.76 14.78 26.87
CBA HEM J . 37.80 15.85 27.37
CGA HEM J . 38.37 17.24 27.47
O1A HEM J . 38.58 17.64 28.65
O2A HEM J . 38.59 17.82 26.37
C1B HEM J . 36.34 9.15 27.16
C2B HEM J . 35.64 8.11 26.47
C3B HEM J . 36.12 6.94 26.89
C4B HEM J . 37.15 7.20 27.87
CMB HEM J . 34.52 8.39 25.43
CAB HEM J . 35.75 5.52 26.42
CBB HEM J . 35.30 5.31 25.18
C1C HEM J . 38.89 6.57 29.53
C2C HEM J . 39.70 5.61 30.24
C3C HEM J . 40.58 6.29 30.98
C4C HEM J . 40.35 7.70 30.74
CMC HEM J . 39.49 4.09 30.12
CAC HEM J . 41.68 5.79 31.94
CBC HEM J . 42.29 4.60 31.80
C1D HEM J . 41.11 9.99 30.75
C2D HEM J . 41.93 11.06 31.23
C3D HEM J . 41.71 12.10 30.43
C4D HEM J . 40.69 11.77 29.48
CMD HEM J . 42.89 10.94 32.44
CAD HEM J . 42.27 13.55 30.64
CBD HEM J . 41.29 13.91 31.82
CGD HEM J . 41.65 15.12 32.60
O1D HEM J . 42.75 15.14 33.22
O2D HEM J . 40.85 16.09 32.59
NA HEM J . 38.26 11.19 27.93
NB HEM J . 37.26 8.57 28.02
NC HEM J . 39.30 7.85 29.83
ND HEM J . 40.37 10.47 29.68
FE HEM J . 38.84 9.51 28.81
CHA HEM K . 37.11 0.23 18.00
CHB HEM K . 41.81 -0.76 17.68
CHC HEM K . 42.64 2.08 21.49
CHD HEM K . 37.96 3.16 21.78
C1A HEM K . 38.31 -0.33 17.60
C2A HEM K . 38.46 -1.33 16.56
C3A HEM K . 39.76 -1.60 16.48
C4A HEM K . 40.46 -0.78 17.47
CMA HEM K . 40.52 -2.59 15.57
CAA HEM K . 37.26 -1.91 15.80
CBA HEM K . 36.96 -2.05 14.33
CGA HEM K . 35.67 -2.74 13.92
O1A HEM K . 35.02 -2.39 12.89
O2A HEM K . 35.26 -3.70 14.62
C1B HEM K . 42.45 -0.01 18.63
C2B HEM K . 43.89 0.11 18.77
C3B HEM K . 44.12 0.90 19.83
C4B HEM K . 42.85 1.29 20.39
CMB HEM K . 44.92 -0.53 17.82
CAB HEM K . 45.48 1.41 20.38
CBB HEM K . 46.55 1.49 19.62
C1C HEM K . 41.45 2.62 21.91
C2C HEM K . 41.26 3.52 23.03
C3C HEM K . 39.97 3.82 23.09
C4C HEM K . 39.30 3.11 22.03
CMC HEM K . 42.40 4.01 23.94
CAC HEM K . 39.21 4.78 24.05
CBC HEM K . 39.66 5.97 24.40
C1D HEM K . 37.35 2.47 20.75
C2D HEM K . 35.95 2.62 20.43
C3D HEM K . 35.73 1.74 19.45
C4D HEM K . 36.96 1.13 19.03
CMD HEM K . 34.95 3.56 21.16
CAD HEM K . 34.43 1.67 18.59
CBD HEM K . 34.88 2.94 17.91
CGD HEM K . 34.67 4.15 17.26
O1D HEM K . 33.45 4.46 17.18
O2D HEM K . 35.61 4.81 16.77
NA HEM K . 39.53 0.00 18.14
NB HEM K . 41.84 0.72 19.64
NC HEM K . 40.23 2.37 21.32
ND HEM K . 37.93 1.57 19.89
FE HEM K . 39.90 1.28 19.66
PA FAD L . 9.79 2.18 18.72
O1A FAD L . 9.81 2.71 20.14
O2A FAD L . 9.96 3.04 17.68
O5B FAD L . 11.02 1.33 18.80
C5B FAD L . 11.37 0.32 17.81
C4B FAD L . 12.88 0.00 17.90
O4B FAD L . 13.27 -1.01 16.88
C3B FAD L . 13.95 1.16 17.80
O3B FAD L . 14.71 1.24 19.00
C2B FAD L . 14.74 0.73 16.54
O2B FAD L . 16.06 1.17 16.37
C1B FAD L . 14.67 -0.76 16.53
N9A FAD L . 14.74 -1.43 15.20
C8A FAD L . 14.17 -0.98 14.04
N7A FAD L . 14.49 -1.64 12.92
C5A FAD L . 15.35 -2.62 13.39
C6A FAD L . 16.11 -3.67 12.71
N6A FAD L . 16.10 -3.91 11.41
N1A FAD L . 16.92 -4.45 13.50
C2A FAD L . 17.02 -4.28 14.87
N3A FAD L . 16.34 -3.33 15.55
C4A FAD L . 15.55 -2.49 14.80
N1 FAD L . 2.04 7.55 21.42
C2 FAD L . 1.16 7.56 22.39
O2 FAD L . 0.37 6.72 22.70
N3 FAD L . 1.16 8.67 23.28
C4 FAD L . 2.01 9.73 23.12
O4 FAD L . 1.98 10.65 23.90
C4X FAD L . 2.94 9.69 22.01
N5 FAD L . 3.80 10.69 21.83
C5X FAD L . 4.67 10.60 20.80
C6 FAD L . 5.58 11.69 20.65
C7 FAD L . 6.49 11.64 19.62
C7M FAD L . 7.48 12.78 19.44
C8 FAD L . 6.51 10.51 18.70
C8M FAD L . 7.46 10.45 17.53
C9 FAD L . 5.57 9.50 18.82
C9A FAD L . 4.65 9.51 19.87
N10 FAD L . 3.67 8.50 20.08
C10 FAD L . 2.82 8.56 21.10
C1' FAD L . 3.64 7.29 19.23
C2' FAD L . 4.22 6.08 20.08
O2' FAD L . 5.21 6.73 20.90
C3' FAD L . 5.03 5.23 19.06
O3' FAD L . 4.04 4.70 18.13
C4' FAD L . 5.50 4.02 19.88
O4' FAD L . 6.11 4.45 21.10
C5' FAD L . 6.39 3.12 19.07
O5' FAD L . 6.66 1.84 19.88
P FAD L . 7.43 0.66 19.34
O1P FAD L . 7.94 -0.23 20.45
O2P FAD L . 6.61 -0.05 18.40
O3P FAD L . 8.47 1.22 18.55
#